data_4N48
#
_entry.id   4N48
#
_cell.length_a   52.209
_cell.length_b   60.038
_cell.length_c   87.045
_cell.angle_alpha   90.23
_cell.angle_beta   97.83
_cell.angle_gamma   116.25
#
_symmetry.space_group_name_H-M   'P 1'
#
loop_
_entity.id
_entity.type
_entity.pdbx_description
1 polymer "Cap-specific mRNA (nucleoside-2'-O-)-methyltransferase 1"
2 polymer 'capped RNA'
3 non-polymer S-ADENOSYLMETHIONINE
4 non-polymer "7N-METHYL-8-HYDROGUANOSINE-5'-TRIPHOSPHATE"
5 water water
#
loop_
_entity_poly.entity_id
_entity_poly.type
_entity_poly.pdbx_seq_one_letter_code
_entity_poly.pdbx_strand_id
1 'polypeptide(L)'
;GAMRGLGLTLRGFDQELNVDWRDEPEPSACEQVSWFPECTTEIPDTQEMSDWMVVGKRKMIIEDETEFCGEELLHSVLQC
KSVFDVLDGEEMRRARTRANPYEMIRGVFFLNRAAMKMANMDFVFDRMFTNPRDSYGKPLVKDREAELLYFADVCAGPGG
FSEYVLWRKKWHAKGFGMTLKGPNDFKLEDFYSASSELFEPYYGEGGIDGDGDITRPENISAFRNFVLDNTDRKGVHFLM
ADGGFSVEGQENLQEILSKQLLLCQFLMALSIVRTGGHFICKTFDLFTPFSVGLVYLLYCCFERVCLFKPITSRPANSER
YVVCKGLKVGIDDVRDYLFAVNIKLNQLRNTDSDVNLVVPLEVIKGDHEFTDYMIRSNESHCSLQIKALAKIHAFVQDTT
LSEPRQAEIRKECLRLWGIPDQARVAPS
;
A,B
2 'polyribonucleotide' GAUC D,G
#
# COMPACT_ATOMS: atom_id res chain seq x y z
N VAL A 19 -8.96 -11.50 31.58
CA VAL A 19 -8.06 -10.38 31.89
C VAL A 19 -8.40 -9.79 33.27
N ASP A 20 -7.38 -9.25 33.94
CA ASP A 20 -7.53 -8.78 35.33
C ASP A 20 -7.72 -7.26 35.42
N TRP A 21 -8.97 -6.82 35.35
CA TRP A 21 -9.31 -5.40 35.38
C TRP A 21 -9.28 -4.81 36.78
N ARG A 22 -9.11 -5.66 37.78
CA ARG A 22 -9.15 -5.24 39.19
C ARG A 22 -7.82 -4.67 39.67
N ASP A 23 -6.80 -4.74 38.84
CA ASP A 23 -5.48 -4.24 39.19
C ASP A 23 -5.33 -2.76 38.86
N GLU A 24 -6.42 -2.16 38.40
CA GLU A 24 -6.43 -0.72 38.11
C GLU A 24 -6.45 0.05 39.42
N PRO A 25 -5.72 1.18 39.46
CA PRO A 25 -5.69 2.04 40.65
C PRO A 25 -7.02 2.76 40.84
N GLU A 26 -7.23 3.33 42.02
CA GLU A 26 -8.47 4.04 42.32
C GLU A 26 -8.72 5.17 41.33
N PRO A 27 -9.95 5.27 40.83
CA PRO A 27 -10.35 6.36 39.93
C PRO A 27 -10.25 7.72 40.63
N SER A 28 -9.52 8.65 40.01
CA SER A 28 -9.29 9.96 40.60
C SER A 28 -9.68 11.11 39.67
N ALA A 29 -9.82 12.29 40.25
CA ALA A 29 -10.05 13.51 39.46
C ALA A 29 -8.72 14.04 38.95
N CYS A 30 -7.62 13.55 39.51
CA CYS A 30 -6.28 14.02 39.14
C CYS A 30 -5.78 13.31 37.89
N GLU A 31 -5.53 14.08 36.83
CA GLU A 31 -5.13 13.51 35.55
C GLU A 31 -3.73 13.96 35.16
N GLN A 32 -2.99 13.08 34.49
CA GLN A 32 -1.63 13.40 34.08
C GLN A 32 -1.48 13.39 32.56
N VAL A 33 -0.79 14.41 32.03
CA VAL A 33 -0.57 14.49 30.59
C VAL A 33 0.91 14.52 30.23
N SER A 34 1.26 13.80 29.17
CA SER A 34 2.63 13.84 28.66
C SER A 34 2.61 14.15 27.17
N TRP A 35 3.42 15.12 26.77
CA TRP A 35 3.43 15.60 25.39
C TRP A 35 4.44 14.85 24.53
N PHE A 36 4.23 14.88 23.22
CA PHE A 36 5.24 14.49 22.26
C PHE A 36 6.46 15.37 22.50
N PRO A 37 7.66 14.91 22.13
CA PRO A 37 8.80 15.82 22.17
C PRO A 37 8.59 16.94 21.16
N GLU A 38 9.11 18.12 21.42
CA GLU A 38 8.96 19.23 20.49
C GLU A 38 9.65 18.88 19.18
N CYS A 39 8.97 19.13 18.07
CA CYS A 39 9.52 18.81 16.76
C CYS A 39 10.58 19.83 16.38
N THR A 40 11.74 19.34 15.94
CA THR A 40 12.84 20.24 15.60
C THR A 40 13.25 20.11 14.13
N THR A 41 12.75 19.08 13.46
CA THR A 41 12.98 18.93 12.03
C THR A 41 12.17 19.96 11.25
N GLU A 42 12.69 20.35 10.09
CA GLU A 42 12.06 21.36 9.26
C GLU A 42 10.68 20.90 8.78
N ILE A 43 9.73 21.83 8.75
CA ILE A 43 8.41 21.57 8.20
C ILE A 43 8.51 21.15 6.73
N PRO A 44 7.89 20.02 6.37
CA PRO A 44 7.90 19.49 5.00
C PRO A 44 7.35 20.48 3.98
N ASP A 45 7.96 20.53 2.80
CA ASP A 45 7.48 21.40 1.74
C ASP A 45 6.93 20.57 0.58
N THR A 46 6.29 21.27 -0.38
CA THR A 46 5.62 20.61 -1.51
C THR A 46 6.52 19.63 -2.23
N GLN A 47 7.80 20.01 -2.39
CA GLN A 47 8.79 19.17 -3.03
C GLN A 47 8.97 17.83 -2.31
N GLU A 48 9.23 17.89 -1.02
CA GLU A 48 9.52 16.68 -0.23
C GLU A 48 8.32 15.73 -0.16
N MET A 49 7.12 16.28 -0.18
CA MET A 49 5.90 15.50 -0.01
C MET A 49 5.38 14.95 -1.33
N SER A 50 6.13 15.16 -2.40
CA SER A 50 5.67 14.81 -3.74
C SER A 50 5.54 13.31 -3.95
N ASP A 51 6.24 12.53 -3.13
CA ASP A 51 6.18 11.07 -3.23
C ASP A 51 5.61 10.46 -1.95
N TRP A 52 4.89 11.28 -1.19
CA TRP A 52 4.42 10.89 0.14
C TRP A 52 3.10 10.12 0.15
N MET A 53 2.14 10.56 -0.66
CA MET A 53 0.84 9.90 -0.74
C MET A 53 0.99 8.54 -1.42
N VAL A 54 0.43 7.50 -0.80
CA VAL A 54 0.49 6.16 -1.38
C VAL A 54 -0.90 5.60 -1.62
N VAL A 55 -1.21 5.33 -2.89
CA VAL A 55 -2.51 4.76 -3.25
C VAL A 55 -2.39 3.26 -3.52
N GLY A 56 -3.21 2.47 -2.83
CA GLY A 56 -3.20 1.03 -3.00
C GLY A 56 -4.58 0.40 -2.84
N LYS A 57 -4.60 -0.92 -2.64
CA LYS A 57 -5.84 -1.67 -2.45
C LYS A 57 -6.57 -1.20 -1.19
N ARG A 58 -7.88 -1.04 -1.29
CA ARG A 58 -8.68 -0.65 -0.14
C ARG A 58 -8.63 -1.78 0.89
N LYS A 59 -8.11 -1.46 2.06
CA LYS A 59 -8.00 -2.43 3.13
C LYS A 59 -9.09 -2.19 4.16
N MET A 60 -9.77 -3.25 4.57
CA MET A 60 -10.80 -3.16 5.59
C MET A 60 -10.57 -4.22 6.66
N ILE A 61 -9.33 -4.32 7.10
CA ILE A 61 -8.91 -5.28 8.12
C ILE A 61 -8.05 -4.54 9.13
N ILE A 62 -8.37 -4.67 10.41
CA ILE A 62 -7.62 -3.95 11.44
C ILE A 62 -6.66 -4.85 12.23
N GLU A 63 -7.00 -6.13 12.35
CA GLU A 63 -6.29 -7.05 13.25
C GLU A 63 -4.79 -7.26 13.01
N ASP A 64 -4.28 -6.81 11.87
CA ASP A 64 -2.86 -7.00 11.54
C ASP A 64 -2.07 -5.71 11.63
N GLU A 65 -2.74 -4.61 11.97
CA GLU A 65 -2.10 -3.31 12.01
C GLU A 65 -1.31 -3.10 13.30
N THR A 66 -0.04 -3.50 13.27
CA THR A 66 0.79 -3.54 14.46
C THR A 66 2.11 -2.78 14.28
N GLU A 67 2.12 -1.80 13.39
CA GLU A 67 3.33 -1.00 13.19
C GLU A 67 3.63 -0.16 14.43
N PHE A 68 2.58 0.24 15.15
CA PHE A 68 2.73 1.12 16.30
C PHE A 68 2.01 0.60 17.54
N CYS A 69 1.70 -0.69 17.55
CA CYS A 69 1.14 -1.35 18.72
C CYS A 69 1.46 -2.84 18.71
N GLY A 70 1.77 -3.38 19.88
CA GLY A 70 2.08 -4.79 20.00
C GLY A 70 0.89 -5.66 19.67
N GLU A 71 1.15 -6.74 18.93
CA GLU A 71 0.13 -7.65 18.45
C GLU A 71 -0.79 -8.19 19.55
N GLU A 72 -0.20 -8.53 20.68
CA GLU A 72 -0.95 -9.07 21.81
C GLU A 72 -2.01 -8.08 22.31
N LEU A 73 -1.61 -6.82 22.45
CA LEU A 73 -2.52 -5.78 22.92
C LEU A 73 -3.60 -5.44 21.88
N LEU A 74 -3.20 -5.33 20.62
CA LEU A 74 -4.12 -5.07 19.52
C LEU A 74 -5.19 -6.15 19.47
N HIS A 75 -4.75 -7.40 19.41
CA HIS A 75 -5.64 -8.54 19.30
C HIS A 75 -6.59 -8.67 20.48
N SER A 76 -6.08 -8.34 21.67
CA SER A 76 -6.86 -8.47 22.89
C SER A 76 -8.02 -7.47 22.92
N VAL A 77 -7.70 -6.19 22.68
CA VAL A 77 -8.70 -5.14 22.73
C VAL A 77 -9.74 -5.31 21.61
N LEU A 78 -9.32 -5.91 20.51
CA LEU A 78 -10.24 -6.24 19.42
C LEU A 78 -11.24 -7.31 19.87
N GLN A 79 -10.75 -8.29 20.61
CA GLN A 79 -11.60 -9.38 21.06
C GLN A 79 -12.47 -8.96 22.23
N CYS A 80 -11.95 -8.03 23.05
CA CYS A 80 -12.73 -7.50 24.16
C CYS A 80 -13.92 -6.68 23.66
N LYS A 81 -13.79 -6.11 22.47
CA LYS A 81 -14.90 -5.42 21.84
C LYS A 81 -15.89 -6.42 21.27
N SER A 82 -15.38 -7.40 20.53
CA SER A 82 -16.22 -8.38 19.83
C SER A 82 -17.05 -9.27 20.76
N VAL A 83 -16.71 -9.26 22.04
CA VAL A 83 -17.47 -10.01 23.04
C VAL A 83 -18.90 -9.50 23.10
N PHE A 84 -19.09 -8.23 22.78
CA PHE A 84 -20.41 -7.60 22.87
C PHE A 84 -21.23 -7.75 21.60
N ASP A 85 -20.71 -8.50 20.64
CA ASP A 85 -21.44 -8.83 19.42
C ASP A 85 -22.68 -9.69 19.73
N VAL A 86 -22.63 -10.41 20.83
CA VAL A 86 -23.72 -11.30 21.20
C VAL A 86 -24.43 -10.86 22.48
N LEU A 87 -24.42 -9.56 22.74
CA LEU A 87 -25.07 -9.04 23.94
C LEU A 87 -25.98 -7.87 23.58
N ASP A 88 -27.09 -7.75 24.29
CA ASP A 88 -28.04 -6.67 24.04
C ASP A 88 -27.36 -5.33 24.31
N GLY A 89 -27.62 -4.36 23.45
CA GLY A 89 -27.03 -3.04 23.57
C GLY A 89 -27.44 -2.30 24.83
N GLU A 90 -28.73 -2.33 25.13
CA GLU A 90 -29.23 -1.71 26.35
C GLU A 90 -28.62 -2.41 27.55
N GLU A 91 -28.56 -3.73 27.49
CA GLU A 91 -28.01 -4.51 28.59
C GLU A 91 -26.52 -4.20 28.75
N MET A 92 -25.85 -3.83 27.67
CA MET A 92 -24.44 -3.45 27.76
C MET A 92 -24.28 -2.05 28.38
N ARG A 93 -25.03 -1.09 27.88
CA ARG A 93 -24.92 0.29 28.36
C ARG A 93 -25.44 0.41 29.79
N ARG A 94 -26.29 -0.53 30.19
CA ARG A 94 -26.74 -0.62 31.56
C ARG A 94 -25.54 -0.85 32.45
N ALA A 95 -24.64 -1.73 32.02
CA ALA A 95 -23.47 -2.11 32.78
C ALA A 95 -22.35 -1.07 32.65
N ARG A 96 -22.32 -0.41 31.50
CA ARG A 96 -21.39 0.70 31.26
C ARG A 96 -21.61 1.78 32.32
N THR A 97 -22.88 2.11 32.58
CA THR A 97 -23.24 3.14 33.54
C THR A 97 -22.78 2.80 34.96
N ARG A 98 -22.89 1.54 35.33
CA ARG A 98 -22.51 1.10 36.66
C ARG A 98 -20.99 0.96 36.79
N ALA A 99 -20.32 0.63 35.69
CA ALA A 99 -18.89 0.34 35.72
C ALA A 99 -18.01 1.59 35.60
N ASN A 100 -18.41 2.55 34.77
CA ASN A 100 -17.63 3.77 34.56
C ASN A 100 -17.74 4.74 35.74
N PRO A 101 -16.66 4.88 36.53
CA PRO A 101 -16.71 5.66 37.77
C PRO A 101 -16.96 7.16 37.56
N TYR A 102 -16.75 7.65 36.34
CA TYR A 102 -16.94 9.07 36.05
C TYR A 102 -18.29 9.30 35.36
N GLU A 103 -19.06 8.22 35.20
CA GLU A 103 -20.32 8.27 34.47
C GLU A 103 -21.30 9.34 34.94
N MET A 104 -21.46 9.45 36.24
CA MET A 104 -22.50 10.31 36.80
C MET A 104 -22.27 11.80 36.58
N ILE A 105 -21.11 12.15 36.03
CA ILE A 105 -20.83 13.55 35.69
C ILE A 105 -21.82 14.09 34.67
N ARG A 106 -22.01 13.33 33.58
CA ARG A 106 -22.89 13.71 32.48
C ARG A 106 -22.54 15.11 31.98
N GLY A 107 -23.54 15.82 31.45
CA GLY A 107 -23.30 17.16 30.95
C GLY A 107 -23.55 18.23 32.00
N VAL A 108 -23.96 17.79 33.20
CA VAL A 108 -24.42 18.68 34.25
C VAL A 108 -25.51 19.60 33.70
N PHE A 109 -25.27 20.91 33.69
CA PHE A 109 -26.27 21.86 33.19
C PHE A 109 -26.11 22.18 31.71
N PHE A 110 -25.16 21.52 31.06
CA PHE A 110 -24.93 21.76 29.64
C PHE A 110 -25.87 20.90 28.81
N LEU A 111 -25.84 21.05 27.49
CA LEU A 111 -26.80 20.37 26.62
C LEU A 111 -26.49 18.89 26.38
N ASN A 112 -25.27 18.48 26.70
CA ASN A 112 -24.89 17.07 26.62
C ASN A 112 -23.61 16.82 27.38
N ARG A 113 -23.18 15.56 27.42
CA ARG A 113 -21.96 15.20 28.12
C ARG A 113 -20.70 15.71 27.41
N ALA A 114 -20.82 15.94 26.10
CA ALA A 114 -19.67 16.33 25.29
C ALA A 114 -19.11 17.66 25.77
N ALA A 115 -20.00 18.53 26.25
CA ALA A 115 -19.60 19.83 26.75
C ALA A 115 -18.63 19.72 27.92
N MET A 116 -18.85 18.71 28.76
CA MET A 116 -18.02 18.53 29.95
C MET A 116 -16.64 18.02 29.60
N LYS A 117 -16.47 17.52 28.38
CA LYS A 117 -15.15 17.13 27.91
C LYS A 117 -14.29 18.38 27.74
N MET A 118 -14.85 19.40 27.11
CA MET A 118 -14.14 20.65 26.98
C MET A 118 -13.94 21.32 28.34
N ALA A 119 -14.95 21.28 29.19
CA ALA A 119 -14.82 21.76 30.55
C ALA A 119 -13.70 21.03 31.26
N ASN A 120 -13.64 19.72 31.06
CA ASN A 120 -12.57 18.89 31.61
C ASN A 120 -11.20 19.33 31.09
N MET A 121 -11.04 19.32 29.78
CA MET A 121 -9.74 19.55 29.14
C MET A 121 -9.30 21.02 29.10
N ASP A 122 -10.24 21.94 29.27
CA ASP A 122 -9.89 23.34 29.41
C ASP A 122 -9.15 23.54 30.73
N PHE A 123 -9.57 22.80 31.76
CA PHE A 123 -8.88 22.85 33.04
C PHE A 123 -7.52 22.16 32.97
N VAL A 124 -7.51 20.94 32.44
CA VAL A 124 -6.30 20.13 32.40
C VAL A 124 -5.17 20.81 31.63
N PHE A 125 -5.54 21.51 30.55
CA PHE A 125 -4.53 22.19 29.74
C PHE A 125 -4.39 23.68 30.05
N ASP A 126 -4.52 24.01 31.33
CA ASP A 126 -4.31 25.36 31.85
C ASP A 126 -4.99 26.45 31.03
N ARG A 127 -6.27 26.25 30.77
CA ARG A 127 -7.10 27.22 30.05
C ARG A 127 -6.53 27.65 28.70
N MET A 128 -5.85 26.72 28.01
CA MET A 128 -5.24 27.07 26.73
C MET A 128 -6.28 27.41 25.67
N PHE A 129 -7.51 26.98 25.90
CA PHE A 129 -8.58 27.27 24.95
C PHE A 129 -9.35 28.55 25.30
N THR A 130 -9.87 28.65 26.53
CA THR A 130 -10.59 29.86 26.92
C THR A 130 -9.68 31.06 27.20
N ASN A 131 -8.41 30.80 27.45
CA ASN A 131 -7.45 31.88 27.66
C ASN A 131 -6.11 31.57 26.98
N PRO A 132 -6.12 31.51 25.65
CA PRO A 132 -4.93 31.11 24.91
C PRO A 132 -3.78 32.09 25.08
N ARG A 133 -2.56 31.57 25.10
CA ARG A 133 -1.37 32.39 25.23
C ARG A 133 -0.45 32.07 24.08
N ASP A 134 0.54 32.92 23.82
CA ASP A 134 1.58 32.56 22.85
C ASP A 134 2.63 31.66 23.50
N SER A 135 3.67 31.32 22.77
CA SER A 135 4.67 30.39 23.29
C SER A 135 5.58 31.04 24.34
N TYR A 136 5.32 32.30 24.65
CA TYR A 136 6.10 33.01 25.66
C TYR A 136 5.31 33.17 26.97
N GLY A 137 4.03 32.81 26.94
CA GLY A 137 3.18 32.87 28.11
C GLY A 137 2.33 34.13 28.17
N LYS A 138 2.29 34.85 27.05
CA LYS A 138 1.53 36.10 26.96
C LYS A 138 0.20 35.83 26.26
N PRO A 139 -0.92 36.18 26.92
CA PRO A 139 -2.26 35.95 26.36
C PRO A 139 -2.45 36.61 25.00
N LEU A 140 -3.15 35.91 24.10
CA LEU A 140 -3.38 36.40 22.74
C LEU A 140 -4.54 37.38 22.69
N VAL A 141 -5.28 37.49 23.79
CA VAL A 141 -6.47 38.34 23.83
C VAL A 141 -6.46 39.24 25.06
N LYS A 142 -6.66 40.55 24.84
CA LYS A 142 -6.79 41.51 25.92
C LYS A 142 -8.27 41.75 26.20
N ASP A 143 -8.86 40.95 27.09
CA ASP A 143 -10.30 41.01 27.33
C ASP A 143 -10.77 42.35 27.89
N ARG A 144 -9.85 43.09 28.49
CA ARG A 144 -10.17 44.41 29.06
C ARG A 144 -9.71 45.53 28.13
N GLU A 147 -11.71 43.24 23.03
CA GLU A 147 -10.98 42.30 22.19
C GLU A 147 -11.63 40.92 22.28
N LEU A 148 -11.96 40.36 21.13
CA LEU A 148 -12.70 39.09 21.06
C LEU A 148 -11.78 37.87 20.96
N LEU A 149 -12.19 36.80 21.63
CA LEU A 149 -11.59 35.48 21.42
C LEU A 149 -12.33 34.79 20.27
N TYR A 150 -11.63 34.53 19.18
CA TYR A 150 -12.24 33.84 18.04
C TYR A 150 -11.97 32.35 18.09
N PHE A 151 -13.04 31.56 17.99
CA PHE A 151 -12.89 30.11 17.95
C PHE A 151 -13.79 29.49 16.89
N ALA A 152 -13.39 28.34 16.38
CA ALA A 152 -14.22 27.61 15.44
C ALA A 152 -14.50 26.22 15.97
N ASP A 153 -15.66 25.68 15.61
CA ASP A 153 -16.10 24.39 16.12
C ASP A 153 -16.68 23.57 14.98
N VAL A 154 -15.97 22.52 14.57
CA VAL A 154 -16.40 21.71 13.43
C VAL A 154 -16.66 20.24 13.78
N CYS A 155 -17.59 19.63 13.05
CA CYS A 155 -18.08 18.28 13.33
C CYS A 155 -18.54 18.26 14.78
N ALA A 156 -19.61 19.02 15.05
CA ALA A 156 -19.82 19.55 16.40
C ALA A 156 -21.27 19.62 16.89
N GLY A 157 -22.22 19.11 16.12
CA GLY A 157 -23.61 19.14 16.54
C GLY A 157 -23.87 18.14 17.66
N PRO A 158 -24.73 18.49 18.62
CA PRO A 158 -25.57 19.69 18.73
C PRO A 158 -24.88 20.94 19.29
N GLY A 159 -23.64 20.83 19.76
CA GLY A 159 -22.87 22.02 20.11
C GLY A 159 -22.37 22.19 21.53
N GLY A 160 -22.16 21.08 22.24
CA GLY A 160 -21.68 21.13 23.61
C GLY A 160 -20.35 21.83 23.79
N PHE A 161 -19.36 21.48 22.96
CA PHE A 161 -18.05 22.14 23.00
C PHE A 161 -18.16 23.67 22.94
N SER A 162 -19.05 24.16 22.08
CA SER A 162 -19.23 25.59 21.93
C SER A 162 -20.01 26.20 23.09
N GLU A 163 -21.02 25.49 23.57
CA GLU A 163 -21.80 25.99 24.69
C GLU A 163 -20.91 26.26 25.91
N TYR A 164 -20.02 25.31 26.21
CA TYR A 164 -19.08 25.51 27.31
C TYR A 164 -18.22 26.76 27.11
N VAL A 165 -17.61 26.89 25.94
CA VAL A 165 -16.74 28.02 25.64
C VAL A 165 -17.48 29.35 25.75
N LEU A 166 -18.66 29.42 25.15
CA LEU A 166 -19.50 30.61 25.24
C LEU A 166 -19.91 30.88 26.68
N TRP A 167 -20.17 29.82 27.44
CA TRP A 167 -20.57 29.95 28.83
C TRP A 167 -19.45 30.54 29.69
N ARG A 168 -18.21 30.14 29.40
CA ARG A 168 -17.06 30.56 30.19
C ARG A 168 -16.70 32.02 29.95
N LYS A 169 -16.85 32.48 28.71
CA LYS A 169 -16.39 33.81 28.32
C LYS A 169 -17.53 34.81 28.16
N LYS A 170 -18.72 34.40 28.59
CA LYS A 170 -19.92 35.26 28.56
C LYS A 170 -20.12 35.96 27.21
N TRP A 171 -19.70 37.21 27.14
CA TRP A 171 -19.86 38.01 25.93
C TRP A 171 -18.51 38.53 25.44
N HIS A 172 -17.50 37.66 25.46
CA HIS A 172 -16.16 38.08 25.06
C HIS A 172 -15.57 37.17 23.98
N ALA A 173 -16.42 36.34 23.39
CA ALA A 173 -15.98 35.42 22.34
C ALA A 173 -17.01 35.29 21.23
N LYS A 174 -16.53 35.10 20.01
CA LYS A 174 -17.39 34.76 18.88
C LYS A 174 -16.92 33.47 18.21
N GLY A 175 -17.85 32.56 17.93
CA GLY A 175 -17.50 31.27 17.40
C GLY A 175 -18.14 30.93 16.06
N PHE A 176 -17.46 30.11 15.28
CA PHE A 176 -17.97 29.70 13.97
C PHE A 176 -18.08 28.18 13.93
N GLY A 177 -19.30 27.70 13.66
CA GLY A 177 -19.54 26.26 13.62
C GLY A 177 -19.90 25.70 12.26
N MET A 178 -19.35 24.54 11.94
CA MET A 178 -19.83 23.77 10.80
C MET A 178 -20.02 22.31 11.19
N THR A 179 -21.17 21.75 10.83
CA THR A 179 -21.47 20.36 11.13
C THR A 179 -22.51 19.84 10.12
N LEU A 180 -22.70 18.53 10.07
CA LEU A 180 -23.68 17.96 9.14
C LEU A 180 -25.09 18.40 9.48
N LYS A 181 -25.86 18.72 8.44
CA LYS A 181 -27.29 18.94 8.60
C LYS A 181 -27.98 17.59 8.74
N GLY A 182 -29.10 17.57 9.46
CA GLY A 182 -29.80 16.34 9.75
C GLY A 182 -30.12 16.27 11.23
N PRO A 183 -30.35 15.07 11.75
CA PRO A 183 -30.71 14.86 13.17
C PRO A 183 -29.61 15.28 14.13
N ASN A 184 -28.42 15.57 13.62
CA ASN A 184 -27.28 15.91 14.48
C ASN A 184 -26.76 17.32 14.26
N ASP A 185 -27.55 18.16 13.57
CA ASP A 185 -27.21 19.57 13.39
C ASP A 185 -27.21 20.26 14.75
N PHE A 186 -26.66 21.46 14.81
CA PHE A 186 -26.65 22.24 16.05
C PHE A 186 -28.05 22.41 16.63
N LYS A 187 -28.11 22.57 17.94
CA LYS A 187 -29.37 22.93 18.61
C LYS A 187 -29.13 24.18 19.44
N LEU A 188 -29.12 25.33 18.77
CA LEU A 188 -28.84 26.61 19.42
C LEU A 188 -29.94 26.98 20.40
N GLU A 189 -31.15 26.48 20.15
CA GLU A 189 -32.27 26.66 21.06
C GLU A 189 -31.99 26.02 22.42
N ASP A 190 -31.04 25.08 22.45
CA ASP A 190 -30.65 24.42 23.69
C ASP A 190 -29.42 25.05 24.35
N PHE A 191 -29.03 26.22 23.88
CA PHE A 191 -27.89 26.93 24.46
C PHE A 191 -28.31 27.81 25.63
N SER A 196 -25.58 32.45 21.98
CA SER A 196 -25.99 32.04 20.64
C SER A 196 -25.96 33.20 19.66
N GLU A 197 -25.97 34.43 20.19
CA GLU A 197 -25.93 35.62 19.35
C GLU A 197 -24.51 35.86 18.84
N LEU A 198 -23.55 35.37 19.62
CA LEU A 198 -22.14 35.51 19.27
C LEU A 198 -21.61 34.20 18.71
N PHE A 199 -22.46 33.51 17.97
CA PHE A 199 -22.10 32.24 17.36
C PHE A 199 -22.73 32.16 15.98
N GLU A 200 -21.90 31.87 14.98
CA GLU A 200 -22.41 31.78 13.61
C GLU A 200 -22.22 30.40 12.99
N PRO A 201 -23.34 29.73 12.70
CA PRO A 201 -23.34 28.45 11.98
C PRO A 201 -23.13 28.68 10.48
N TYR A 202 -22.25 27.90 9.88
CA TYR A 202 -21.98 27.99 8.46
C TYR A 202 -21.84 26.57 7.90
N TYR A 203 -22.25 26.36 6.65
CA TYR A 203 -22.39 24.99 6.13
C TYR A 203 -21.72 24.74 4.79
N GLY A 204 -20.71 25.54 4.46
CA GLY A 204 -19.97 25.37 3.21
C GLY A 204 -20.56 26.18 2.08
N GLU A 205 -20.48 25.65 0.87
CA GLU A 205 -21.10 26.31 -0.28
C GLU A 205 -22.58 26.58 -0.04
N GLY A 206 -22.97 27.84 -0.19
CA GLY A 206 -24.35 28.24 0.05
C GLY A 206 -24.48 28.88 1.40
N GLY A 207 -23.39 28.87 2.16
CA GLY A 207 -23.36 29.46 3.48
C GLY A 207 -24.32 28.81 4.45
N ILE A 208 -25.42 29.50 4.75
CA ILE A 208 -26.44 28.97 5.63
C ILE A 208 -27.19 27.81 4.95
N ASP A 209 -26.97 27.63 3.65
CA ASP A 209 -27.69 26.65 2.85
C ASP A 209 -26.85 25.45 2.40
N GLY A 210 -25.68 25.24 2.99
CA GLY A 210 -24.86 24.09 2.63
C GLY A 210 -25.33 22.84 3.35
N ASP A 211 -24.61 21.72 3.17
CA ASP A 211 -24.94 20.51 3.92
C ASP A 211 -24.02 20.31 5.13
N GLY A 212 -22.96 21.09 5.21
CA GLY A 212 -22.07 21.05 6.35
C GLY A 212 -21.10 19.89 6.33
N ASP A 213 -20.99 19.21 5.20
CA ASP A 213 -20.06 18.10 5.06
C ASP A 213 -18.62 18.61 4.97
N ILE A 214 -17.79 18.22 5.93
CA ILE A 214 -16.41 18.70 6.00
C ILE A 214 -15.48 17.93 5.05
N THR A 215 -16.01 16.90 4.39
CA THR A 215 -15.17 16.11 3.50
C THR A 215 -15.26 16.61 2.07
N ARG A 216 -16.25 17.44 1.80
CA ARG A 216 -16.39 18.09 0.50
C ARG A 216 -15.41 19.24 0.41
N PRO A 217 -14.48 19.17 -0.55
CA PRO A 217 -13.44 20.20 -0.70
C PRO A 217 -14.06 21.58 -0.86
N GLU A 218 -15.19 21.65 -1.56
CA GLU A 218 -15.90 22.90 -1.77
C GLU A 218 -16.38 23.50 -0.45
N ASN A 219 -16.66 22.64 0.52
CA ASN A 219 -17.13 23.09 1.83
C ASN A 219 -15.99 23.43 2.78
N ILE A 220 -14.83 22.81 2.56
CA ILE A 220 -13.64 23.13 3.33
C ILE A 220 -13.19 24.54 2.98
N SER A 221 -13.27 24.89 1.70
CA SER A 221 -12.88 26.21 1.23
C SER A 221 -13.84 27.30 1.68
N ALA A 222 -15.14 27.02 1.55
CA ALA A 222 -16.16 28.02 1.86
C ALA A 222 -16.04 28.48 3.31
N PHE A 223 -16.05 27.51 4.21
CA PHE A 223 -15.90 27.78 5.63
C PHE A 223 -14.60 28.52 5.97
N ARG A 224 -13.53 28.22 5.22
CA ARG A 224 -12.27 28.90 5.38
C ARG A 224 -12.38 30.37 5.02
N ASN A 225 -13.01 30.65 3.88
CA ASN A 225 -13.24 32.02 3.47
C ASN A 225 -14.10 32.77 4.47
N PHE A 226 -15.15 32.10 4.94
CA PHE A 226 -16.04 32.68 5.93
C PHE A 226 -15.30 33.04 7.22
N VAL A 227 -14.47 32.12 7.71
CA VAL A 227 -13.77 32.33 8.98
C VAL A 227 -12.70 33.42 8.84
N LEU A 228 -11.97 33.40 7.74
CA LEU A 228 -10.96 34.41 7.50
C LEU A 228 -11.59 35.80 7.39
N ASP A 229 -12.63 35.91 6.56
CA ASP A 229 -13.34 37.18 6.38
C ASP A 229 -13.92 37.75 7.68
N ASN A 230 -14.05 36.91 8.71
CA ASN A 230 -14.62 37.35 9.97
C ASN A 230 -13.60 37.42 11.10
N THR A 231 -12.35 37.17 10.78
CA THR A 231 -11.28 37.20 11.77
C THR A 231 -10.09 38.02 11.29
N ASP A 232 -10.39 39.12 10.58
CA ASP A 232 -9.36 39.99 10.02
C ASP A 232 -8.37 39.24 9.13
N ARG A 233 -8.85 38.17 8.51
CA ARG A 233 -8.02 37.29 7.69
C ARG A 233 -6.82 36.73 8.47
N LYS A 234 -6.91 36.74 9.80
CA LYS A 234 -5.91 36.13 10.66
C LYS A 234 -6.25 34.66 10.88
N GLY A 235 -7.54 34.39 11.14
CA GLY A 235 -7.99 33.06 11.47
C GLY A 235 -8.42 33.00 12.92
N VAL A 236 -8.82 31.81 13.39
CA VAL A 236 -9.30 31.67 14.76
C VAL A 236 -8.15 31.42 15.73
N HIS A 237 -8.36 31.82 16.99
CA HIS A 237 -7.37 31.57 18.04
C HIS A 237 -7.22 30.07 18.29
N PHE A 238 -8.32 29.34 18.18
CA PHE A 238 -8.26 27.87 18.27
C PHE A 238 -9.42 27.20 17.56
N LEU A 239 -9.20 25.95 17.15
CA LEU A 239 -10.24 25.13 16.53
C LEU A 239 -10.55 23.87 17.34
N MET A 240 -11.84 23.63 17.56
CA MET A 240 -12.29 22.40 18.19
C MET A 240 -12.93 21.47 17.16
N ALA A 241 -12.52 20.21 17.16
CA ALA A 241 -13.11 19.20 16.27
C ALA A 241 -13.43 17.93 17.07
N ASP A 242 -14.60 17.35 16.82
CA ASP A 242 -15.08 16.22 17.62
C ASP A 242 -15.89 15.24 16.77
N GLY A 243 -15.45 15.01 15.54
CA GLY A 243 -16.25 14.27 14.57
C GLY A 243 -16.40 12.78 14.79
N GLY A 244 -17.60 12.28 14.52
CA GLY A 244 -17.88 10.85 14.60
C GLY A 244 -19.23 10.54 13.98
N PHE A 245 -19.51 9.26 13.78
CA PHE A 245 -20.78 8.81 13.23
C PHE A 245 -21.00 7.34 13.60
N SER A 246 -22.20 6.83 13.33
CA SER A 246 -22.54 5.46 13.66
C SER A 246 -21.68 4.42 12.94
N VAL A 247 -21.11 3.50 13.73
CA VAL A 247 -20.28 2.41 13.21
C VAL A 247 -20.89 1.08 13.67
N GLU A 248 -22.20 1.09 13.90
CA GLU A 248 -22.92 -0.12 14.30
C GLU A 248 -22.70 -1.26 13.31
N GLY A 249 -22.16 -2.38 13.80
CA GLY A 249 -21.93 -3.54 12.96
C GLY A 249 -20.52 -3.61 12.38
N GLN A 250 -19.73 -2.57 12.62
CA GLN A 250 -18.35 -2.54 12.11
C GLN A 250 -17.40 -1.94 13.15
N GLU A 251 -17.86 -1.86 14.39
CA GLU A 251 -17.17 -1.15 15.47
C GLU A 251 -15.64 -1.31 15.48
N ASN A 252 -15.14 -2.51 15.19
CA ASN A 252 -13.71 -2.77 15.21
C ASN A 252 -12.96 -2.06 14.10
N LEU A 253 -13.67 -1.66 13.05
CA LEU A 253 -13.05 -0.97 11.92
C LEU A 253 -13.28 0.54 11.98
N GLN A 254 -13.61 1.04 13.18
CA GLN A 254 -13.97 2.44 13.40
C GLN A 254 -12.92 3.44 12.91
N GLU A 255 -11.65 3.17 13.20
CA GLU A 255 -10.57 4.05 12.80
C GLU A 255 -10.49 4.20 11.27
N ILE A 256 -10.55 3.07 10.57
CA ILE A 256 -10.48 3.07 9.12
C ILE A 256 -11.71 3.76 8.51
N LEU A 257 -12.87 3.50 9.07
CA LEU A 257 -14.09 4.14 8.58
C LEU A 257 -14.08 5.64 8.81
N SER A 258 -13.39 6.08 9.86
CA SER A 258 -13.33 7.50 10.20
C SER A 258 -12.15 8.22 9.55
N LYS A 259 -11.39 7.49 8.74
CA LYS A 259 -10.09 7.98 8.27
C LYS A 259 -10.12 9.33 7.54
N GLN A 260 -11.08 9.51 6.63
CA GLN A 260 -11.20 10.74 5.86
C GLN A 260 -11.66 11.90 6.73
N LEU A 261 -12.56 11.60 7.67
CA LEU A 261 -13.02 12.57 8.65
C LEU A 261 -11.83 13.13 9.42
N LEU A 262 -10.92 12.23 9.81
CA LEU A 262 -9.73 12.61 10.56
C LEU A 262 -8.84 13.56 9.74
N LEU A 263 -8.71 13.28 8.46
CA LEU A 263 -7.87 14.08 7.59
C LEU A 263 -8.39 15.50 7.41
N CYS A 264 -9.68 15.62 7.05
CA CYS A 264 -10.29 16.92 6.79
C CYS A 264 -10.29 17.80 8.03
N GLN A 265 -10.54 17.19 9.18
CA GLN A 265 -10.48 17.90 10.46
C GLN A 265 -9.09 18.45 10.77
N PHE A 266 -8.05 17.65 10.46
CA PHE A 266 -6.68 18.10 10.60
C PHE A 266 -6.41 19.17 9.54
N LEU A 267 -6.96 18.95 8.35
CA LEU A 267 -6.84 19.91 7.25
C LEU A 267 -7.44 21.26 7.61
N MET A 268 -8.63 21.23 8.21
CA MET A 268 -9.32 22.46 8.58
C MET A 268 -8.51 23.29 9.58
N ALA A 269 -7.81 22.61 10.49
CA ALA A 269 -6.96 23.30 11.47
C ALA A 269 -5.86 24.09 10.76
N LEU A 270 -5.22 23.47 9.78
CA LEU A 270 -4.18 24.12 9.00
C LEU A 270 -4.75 25.19 8.07
N SER A 271 -6.07 25.26 7.99
CA SER A 271 -6.73 26.16 7.06
C SER A 271 -7.34 27.40 7.72
N ILE A 272 -7.84 27.26 8.95
CA ILE A 272 -8.53 28.38 9.60
C ILE A 272 -7.89 28.86 10.90
N VAL A 273 -6.94 28.12 11.43
CA VAL A 273 -6.28 28.50 12.68
C VAL A 273 -5.15 29.49 12.42
N ARG A 274 -5.14 30.57 13.17
CA ARG A 274 -4.13 31.61 13.00
C ARG A 274 -2.77 31.15 13.50
N THR A 275 -1.73 31.91 13.14
CA THR A 275 -0.39 31.66 13.62
C THR A 275 -0.31 31.76 15.14
N GLY A 276 0.22 30.73 15.77
CA GLY A 276 0.29 30.66 17.22
C GLY A 276 -1.01 30.14 17.81
N GLY A 277 -1.97 29.81 16.94
CA GLY A 277 -3.27 29.32 17.38
C GLY A 277 -3.27 27.84 17.75
N HIS A 278 -4.31 27.42 18.47
CA HIS A 278 -4.38 26.06 19.00
C HIS A 278 -5.38 25.15 18.28
N PHE A 279 -5.30 23.85 18.58
CA PHE A 279 -6.12 22.85 17.92
C PHE A 279 -6.32 21.65 18.83
N ILE A 280 -7.58 21.27 19.04
CA ILE A 280 -7.88 20.02 19.69
C ILE A 280 -8.87 19.21 18.84
N CYS A 281 -8.55 17.94 18.60
CA CYS A 281 -9.36 17.08 17.76
C CYS A 281 -9.56 15.71 18.39
N LYS A 282 -10.77 15.16 18.22
CA LYS A 282 -11.05 13.80 18.68
C LYS A 282 -10.52 12.79 17.66
N THR A 283 -9.87 11.74 18.14
CA THR A 283 -9.48 10.64 17.27
C THR A 283 -10.03 9.35 17.85
N PHE A 284 -9.85 8.26 17.12
CA PHE A 284 -10.20 6.95 17.65
C PHE A 284 -8.92 6.16 17.84
N ASP A 285 -8.89 4.92 17.36
CA ASP A 285 -7.66 4.14 17.44
C ASP A 285 -6.65 4.76 16.50
N LEU A 286 -5.37 4.55 16.78
CA LEU A 286 -4.30 5.09 15.95
C LEU A 286 -3.28 4.01 15.62
N PHE A 287 -3.75 2.92 15.04
CA PHE A 287 -2.90 1.77 14.77
C PHE A 287 -2.34 1.79 13.36
N THR A 288 -3.05 2.43 12.44
CA THR A 288 -2.67 2.39 11.04
C THR A 288 -1.65 3.48 10.69
N PRO A 289 -0.78 3.21 9.71
CA PRO A 289 0.22 4.20 9.33
C PRO A 289 -0.42 5.46 8.75
N PHE A 290 -1.63 5.32 8.22
CA PHE A 290 -2.40 6.46 7.75
C PHE A 290 -2.65 7.41 8.91
N SER A 291 -3.26 6.88 9.97
CA SER A 291 -3.54 7.65 11.19
C SER A 291 -2.29 8.31 11.76
N VAL A 292 -1.25 7.51 11.95
CA VAL A 292 -0.01 7.98 12.58
C VAL A 292 0.71 9.00 11.71
N GLY A 293 0.55 8.88 10.39
CA GLY A 293 1.11 9.85 9.47
C GLY A 293 0.45 11.21 9.61
N LEU A 294 -0.85 11.20 9.89
CA LEU A 294 -1.58 12.45 10.11
C LEU A 294 -1.16 13.12 11.42
N VAL A 295 -1.00 12.31 12.46
CA VAL A 295 -0.55 12.82 13.75
C VAL A 295 0.86 13.38 13.64
N TYR A 296 1.70 12.70 12.85
CA TYR A 296 3.06 13.14 12.58
C TYR A 296 3.07 14.53 11.95
N LEU A 297 2.18 14.76 11.00
CA LEU A 297 2.09 16.05 10.32
C LEU A 297 1.71 17.20 11.26
N LEU A 298 0.73 16.98 12.13
CA LEU A 298 0.36 18.00 13.11
C LEU A 298 1.57 18.30 13.99
N TYR A 299 2.25 17.24 14.41
CA TYR A 299 3.46 17.34 15.20
C TYR A 299 4.58 18.11 14.47
N CYS A 300 4.55 18.08 13.13
CA CYS A 300 5.46 18.87 12.34
C CYS A 300 5.03 20.33 12.29
N CYS A 301 3.71 20.55 12.34
CA CYS A 301 3.14 21.88 12.11
C CYS A 301 2.91 22.67 13.38
N PHE A 302 2.91 22.00 14.52
CA PHE A 302 2.66 22.68 15.79
C PHE A 302 3.88 22.70 16.70
N GLU A 303 3.91 23.66 17.61
CA GLU A 303 5.03 23.82 18.54
C GLU A 303 5.10 22.64 19.50
N ARG A 304 3.95 22.19 19.98
CA ARG A 304 3.88 20.99 20.81
C ARG A 304 2.56 20.27 20.58
N VAL A 305 2.58 18.95 20.68
CA VAL A 305 1.41 18.12 20.39
C VAL A 305 1.35 17.01 21.42
N CYS A 306 0.15 16.58 21.80
CA CYS A 306 0.03 15.43 22.69
C CYS A 306 -1.26 14.63 22.47
N LEU A 307 -1.26 13.38 22.93
CA LEU A 307 -2.44 12.53 22.86
C LEU A 307 -2.96 12.28 24.27
N PHE A 308 -4.22 12.62 24.51
CA PHE A 308 -4.75 12.60 25.85
C PHE A 308 -6.20 12.11 25.88
N LYS A 309 -6.48 11.16 26.77
CA LYS A 309 -7.86 10.74 26.98
C LYS A 309 -8.37 11.21 28.35
N PRO A 310 -9.29 12.18 28.34
CA PRO A 310 -9.86 12.74 29.56
C PRO A 310 -10.77 11.73 30.24
N ILE A 311 -10.97 11.86 31.55
CA ILE A 311 -11.82 10.93 32.30
C ILE A 311 -13.29 11.05 31.88
N THR A 312 -13.64 12.19 31.28
CA THR A 312 -14.98 12.44 30.77
C THR A 312 -15.20 11.70 29.46
N SER A 313 -14.16 11.06 28.96
CA SER A 313 -14.25 10.18 27.81
C SER A 313 -14.34 8.75 28.33
N ARG A 314 -15.44 8.07 28.02
CA ARG A 314 -15.72 6.75 28.57
C ARG A 314 -14.57 5.76 28.33
N PRO A 315 -14.10 5.12 29.41
CA PRO A 315 -12.84 4.37 29.44
C PRO A 315 -12.77 3.19 28.48
N ALA A 316 -13.90 2.57 28.16
CA ALA A 316 -13.89 1.34 27.37
C ALA A 316 -13.93 1.57 25.87
N ASN A 317 -14.08 2.82 25.44
CA ASN A 317 -14.06 3.15 24.02
C ASN A 317 -12.68 3.58 23.50
N SER A 318 -12.56 3.69 22.19
CA SER A 318 -11.29 4.04 21.55
C SER A 318 -11.07 5.55 21.46
N GLU A 319 -11.91 6.33 22.13
CA GLU A 319 -11.86 7.78 22.00
C GLU A 319 -10.69 8.42 22.75
N ARG A 320 -9.95 9.29 22.07
CA ARG A 320 -8.97 10.16 22.72
C ARG A 320 -8.91 11.49 22.00
N TYR A 321 -7.99 12.35 22.42
CA TYR A 321 -7.87 13.66 21.82
C TYR A 321 -6.42 14.01 21.54
N VAL A 322 -6.19 14.63 20.40
CA VAL A 322 -4.88 15.15 20.07
C VAL A 322 -4.91 16.67 20.29
N VAL A 323 -4.16 17.12 21.29
CA VAL A 323 -4.14 18.53 21.65
C VAL A 323 -2.91 19.22 21.06
N CYS A 324 -3.15 20.23 20.23
CA CYS A 324 -2.07 20.88 19.49
C CYS A 324 -1.89 22.33 19.90
N LYS A 325 -0.65 22.69 20.22
CA LYS A 325 -0.34 23.97 20.83
C LYS A 325 0.63 24.76 19.95
N GLY A 326 0.18 25.92 19.48
CA GLY A 326 1.05 26.87 18.80
C GLY A 326 1.40 26.58 17.35
N LEU A 327 0.49 26.93 16.44
CA LEU A 327 0.68 26.69 15.02
C LEU A 327 1.88 27.44 14.43
N LYS A 328 2.83 26.68 13.87
CA LYS A 328 4.03 27.26 13.28
C LYS A 328 3.75 28.10 12.04
N VAL A 329 4.76 28.82 11.56
CA VAL A 329 4.64 29.56 10.31
C VAL A 329 5.26 28.76 9.19
N GLY A 330 4.67 28.84 8.00
CA GLY A 330 5.14 28.09 6.86
C GLY A 330 4.56 26.69 6.84
N ILE A 331 3.27 26.58 7.14
CA ILE A 331 2.58 25.31 7.12
C ILE A 331 1.68 25.18 5.89
N ASP A 332 1.87 26.06 4.92
CA ASP A 332 0.97 26.16 3.77
C ASP A 332 1.06 24.98 2.81
N ASP A 333 2.24 24.39 2.69
CA ASP A 333 2.45 23.26 1.79
C ASP A 333 1.76 22.01 2.32
N VAL A 334 1.79 21.82 3.64
CA VAL A 334 1.13 20.69 4.26
C VAL A 334 -0.38 20.83 4.11
N ARG A 335 -0.88 22.06 4.27
CA ARG A 335 -2.29 22.33 4.03
C ARG A 335 -2.70 21.98 2.60
N ASP A 336 -1.92 22.41 1.62
CA ASP A 336 -2.23 22.16 0.21
C ASP A 336 -2.06 20.68 -0.15
N TYR A 337 -1.09 20.04 0.49
CA TYR A 337 -0.92 18.59 0.37
C TYR A 337 -2.18 17.86 0.84
N LEU A 338 -2.61 18.14 2.06
CA LEU A 338 -3.78 17.47 2.63
C LEU A 338 -5.07 17.86 1.94
N PHE A 339 -5.07 19.01 1.26
CA PHE A 339 -6.22 19.38 0.46
C PHE A 339 -6.24 18.49 -0.79
N ALA A 340 -5.07 18.25 -1.37
CA ALA A 340 -4.94 17.40 -2.54
C ALA A 340 -5.25 15.95 -2.21
N VAL A 341 -4.79 15.50 -1.05
CA VAL A 341 -5.02 14.12 -0.65
C VAL A 341 -6.52 13.83 -0.44
N ASN A 342 -7.24 14.78 0.15
CA ASN A 342 -8.67 14.61 0.36
C ASN A 342 -9.45 14.54 -0.96
N ILE A 343 -9.02 15.34 -1.94
CA ILE A 343 -9.61 15.29 -3.27
C ILE A 343 -9.43 13.91 -3.87
N LYS A 344 -8.25 13.32 -3.68
CA LYS A 344 -8.00 11.97 -4.12
C LYS A 344 -8.89 10.98 -3.38
N LEU A 345 -9.12 11.26 -2.10
CA LEU A 345 -10.00 10.41 -1.28
C LEU A 345 -11.43 10.37 -1.82
N ASN A 346 -11.94 11.52 -2.25
CA ASN A 346 -13.29 11.61 -2.82
C ASN A 346 -13.38 10.88 -4.16
N GLN A 347 -12.25 10.77 -4.85
CA GLN A 347 -12.19 10.09 -6.13
C GLN A 347 -12.06 8.59 -5.98
N LEU A 348 -11.43 8.16 -4.89
CA LEU A 348 -11.26 6.73 -4.64
C LEU A 348 -12.48 6.15 -3.92
N ARG A 349 -13.40 7.04 -3.55
CA ARG A 349 -14.62 6.64 -2.87
C ARG A 349 -15.39 5.66 -3.75
N ASN A 350 -15.92 4.62 -3.12
CA ASN A 350 -16.69 3.59 -3.81
C ASN A 350 -15.89 2.84 -4.87
N THR A 351 -14.59 2.69 -4.64
CA THR A 351 -13.73 1.88 -5.50
C THR A 351 -13.02 0.85 -4.64
N ASP A 352 -12.15 0.06 -5.26
CA ASP A 352 -11.35 -0.91 -4.53
C ASP A 352 -10.00 -0.31 -4.12
N SER A 353 -9.81 0.98 -4.42
CA SER A 353 -8.57 1.66 -4.08
C SER A 353 -8.75 2.73 -2.99
N ASP A 354 -7.68 3.01 -2.26
CA ASP A 354 -7.73 3.93 -1.13
C ASP A 354 -6.36 4.54 -0.92
N VAL A 355 -6.30 5.64 -0.16
CA VAL A 355 -5.01 6.22 0.23
C VAL A 355 -4.59 5.61 1.57
N ASN A 356 -3.53 4.81 1.54
CA ASN A 356 -3.12 4.07 2.73
C ASN A 356 -2.01 4.75 3.52
N LEU A 357 -1.28 5.65 2.87
CA LEU A 357 -0.21 6.40 3.52
C LEU A 357 -0.19 7.86 3.07
N VAL A 358 -0.08 8.76 4.05
CA VAL A 358 0.12 10.19 3.75
C VAL A 358 1.54 10.63 4.13
N VAL A 359 2.22 9.81 4.92
CA VAL A 359 3.63 10.00 5.25
C VAL A 359 4.28 8.62 5.26
N PRO A 360 5.43 8.47 4.58
CA PRO A 360 6.14 7.18 4.51
C PRO A 360 6.49 6.61 5.89
N LEU A 361 6.40 5.30 6.03
CA LEU A 361 6.74 4.63 7.28
C LEU A 361 8.18 4.90 7.70
N GLU A 362 9.07 4.90 6.71
CA GLU A 362 10.49 5.14 6.97
C GLU A 362 10.74 6.56 7.49
N VAL A 363 9.89 7.50 7.11
CA VAL A 363 9.99 8.85 7.63
C VAL A 363 9.50 8.91 9.07
N ILE A 364 8.34 8.29 9.32
CA ILE A 364 7.73 8.29 10.64
C ILE A 364 8.62 7.58 11.66
N LYS A 365 9.14 6.43 11.27
CA LYS A 365 9.97 5.63 12.17
C LYS A 365 11.44 6.01 12.09
N GLY A 366 11.77 6.86 11.12
CA GLY A 366 13.07 7.50 11.08
C GLY A 366 13.19 8.44 12.25
N ASP A 367 12.03 8.93 12.72
CA ASP A 367 11.96 9.77 13.90
C ASP A 367 11.73 8.86 15.10
N HIS A 368 12.82 8.42 15.73
CA HIS A 368 12.75 7.49 16.85
C HIS A 368 12.01 8.05 18.06
N GLU A 369 12.12 9.35 18.27
CA GLU A 369 11.47 10.00 19.40
C GLU A 369 9.95 10.09 19.22
N PHE A 370 9.51 10.40 18.01
CA PHE A 370 8.09 10.43 17.71
C PHE A 370 7.51 9.03 17.90
N THR A 371 8.18 8.05 17.30
CA THR A 371 7.69 6.68 17.27
C THR A 371 7.61 6.05 18.66
N ASP A 372 8.56 6.38 19.52
CA ASP A 372 8.55 5.86 20.89
C ASP A 372 7.30 6.31 21.66
N TYR A 373 6.97 7.59 21.55
CA TYR A 373 5.78 8.13 22.20
C TYR A 373 4.50 7.52 21.61
N MET A 374 4.47 7.41 20.29
CA MET A 374 3.29 6.93 19.56
C MET A 374 2.89 5.54 20.03
N ILE A 375 3.87 4.64 20.01
CA ILE A 375 3.68 3.26 20.39
C ILE A 375 3.28 3.17 21.86
N ARG A 376 3.96 3.94 22.70
CA ARG A 376 3.66 3.96 24.13
C ARG A 376 2.25 4.47 24.40
N SER A 377 1.88 5.54 23.70
CA SER A 377 0.55 6.14 23.85
C SER A 377 -0.54 5.15 23.43
N ASN A 378 -0.27 4.43 22.34
CA ASN A 378 -1.19 3.41 21.85
C ASN A 378 -1.31 2.21 22.78
N GLU A 379 -0.21 1.83 23.40
CA GLU A 379 -0.23 0.65 24.26
C GLU A 379 -0.78 0.95 25.66
N SER A 380 -0.58 2.16 26.14
CA SER A 380 -1.13 2.49 27.44
C SER A 380 -2.65 2.69 27.35
N HIS A 381 -3.13 3.27 26.24
CA HIS A 381 -4.55 3.44 26.04
C HIS A 381 -5.21 2.08 25.81
N CYS A 382 -4.44 1.17 25.24
CA CYS A 382 -4.89 -0.19 24.99
C CYS A 382 -5.16 -0.95 26.28
N SER A 383 -4.17 -0.94 27.18
CA SER A 383 -4.27 -1.67 28.44
C SER A 383 -5.46 -1.20 29.24
N LEU A 384 -5.65 0.12 29.29
CA LEU A 384 -6.74 0.71 30.04
C LEU A 384 -8.07 0.30 29.42
N GLN A 385 -8.14 0.33 28.10
CA GLN A 385 -9.38 0.04 27.39
C GLN A 385 -9.79 -1.43 27.50
N ILE A 386 -8.79 -2.33 27.49
CA ILE A 386 -9.08 -3.76 27.65
C ILE A 386 -9.73 -4.02 28.99
N LYS A 387 -9.11 -3.50 30.05
CA LYS A 387 -9.62 -3.66 31.40
C LYS A 387 -11.02 -3.08 31.55
N ALA A 388 -11.22 -1.88 31.03
CA ALA A 388 -12.53 -1.24 31.10
C ALA A 388 -13.58 -2.04 30.32
N LEU A 389 -13.15 -2.66 29.23
CA LEU A 389 -14.05 -3.48 28.41
C LEU A 389 -14.44 -4.78 29.12
N ALA A 390 -13.49 -5.37 29.82
CA ALA A 390 -13.74 -6.61 30.54
C ALA A 390 -14.55 -6.32 31.79
N LYS A 391 -14.36 -5.11 32.31
CA LYS A 391 -15.10 -4.64 33.47
C LYS A 391 -16.58 -4.53 33.15
N ILE A 392 -16.91 -4.04 31.96
CA ILE A 392 -18.29 -3.97 31.51
C ILE A 392 -18.87 -5.37 31.39
N HIS A 393 -18.07 -6.28 30.86
CA HIS A 393 -18.46 -7.66 30.68
C HIS A 393 -18.80 -8.29 32.03
N ALA A 394 -17.94 -8.02 33.01
CA ALA A 394 -18.12 -8.53 34.37
C ALA A 394 -19.38 -7.95 34.99
N PHE A 395 -19.63 -6.67 34.72
CA PHE A 395 -20.81 -5.99 35.25
C PHE A 395 -22.08 -6.43 34.52
N VAL A 396 -21.93 -7.11 33.40
CA VAL A 396 -23.07 -7.68 32.72
C VAL A 396 -23.44 -9.00 33.40
N GLN A 397 -22.42 -9.83 33.63
CA GLN A 397 -22.63 -11.14 34.24
C GLN A 397 -22.91 -11.05 35.73
N ASP A 398 -22.66 -9.89 36.32
CA ASP A 398 -22.91 -9.69 37.75
C ASP A 398 -23.54 -8.32 37.98
N THR A 399 -24.87 -8.28 37.95
CA THR A 399 -25.60 -7.02 38.01
C THR A 399 -25.61 -6.37 39.39
N THR A 400 -24.93 -7.00 40.35
CA THR A 400 -24.86 -6.43 41.70
C THR A 400 -23.64 -5.53 41.83
N LEU A 401 -22.63 -5.76 40.98
CA LEU A 401 -21.42 -4.96 40.98
C LEU A 401 -21.72 -3.50 40.66
N SER A 402 -21.14 -2.59 41.42
CA SER A 402 -21.33 -1.16 41.17
C SER A 402 -20.10 -0.38 41.60
N GLU A 403 -20.03 0.87 41.16
CA GLU A 403 -18.93 1.76 41.54
C GLU A 403 -19.36 2.69 42.66
N PRO A 404 -18.89 2.44 43.88
CA PRO A 404 -19.38 3.10 45.08
C PRO A 404 -19.07 4.60 45.11
N ARG A 405 -17.99 5.01 44.46
CA ARG A 405 -17.50 6.37 44.59
C ARG A 405 -17.96 7.32 43.47
N GLN A 406 -19.04 6.96 42.79
CA GLN A 406 -19.48 7.75 41.64
C GLN A 406 -19.92 9.18 41.98
N ALA A 407 -20.86 9.31 42.91
CA ALA A 407 -21.34 10.62 43.33
C ALA A 407 -20.23 11.40 44.00
N GLU A 408 -19.35 10.69 44.68
CA GLU A 408 -18.19 11.26 45.35
C GLU A 408 -17.19 11.83 44.33
N ILE A 409 -16.79 10.99 43.38
CA ILE A 409 -15.89 11.39 42.30
C ILE A 409 -16.48 12.54 41.48
N ARG A 410 -17.77 12.45 41.20
CA ARG A 410 -18.46 13.50 40.46
C ARG A 410 -18.37 14.85 41.16
N LYS A 411 -18.53 14.84 42.49
CA LYS A 411 -18.50 16.06 43.28
C LYS A 411 -17.17 16.77 43.12
N GLU A 412 -16.08 16.01 43.29
CA GLU A 412 -14.73 16.56 43.21
C GLU A 412 -14.39 17.13 41.84
N CYS A 413 -14.74 16.38 40.80
CA CYS A 413 -14.47 16.78 39.42
C CYS A 413 -15.11 18.12 39.10
N LEU A 414 -16.34 18.31 39.55
CA LEU A 414 -17.03 19.57 39.30
C LEU A 414 -16.35 20.72 40.04
N ARG A 415 -15.87 20.45 41.26
CA ARG A 415 -15.15 21.46 42.04
C ARG A 415 -13.84 21.84 41.35
N LEU A 416 -12.97 20.86 41.17
CA LEU A 416 -11.69 21.02 40.48
C LEU A 416 -11.76 21.83 39.18
N TRP A 417 -12.74 21.51 38.35
CA TRP A 417 -12.85 22.10 37.02
C TRP A 417 -13.51 23.47 37.01
N GLY A 418 -14.19 23.82 38.10
CA GLY A 418 -14.81 25.13 38.23
C GLY A 418 -16.18 25.17 37.58
N ILE A 419 -16.90 24.06 37.70
CA ILE A 419 -18.25 23.96 37.15
C ILE A 419 -19.26 23.94 38.28
N PRO A 420 -20.14 24.96 38.32
CA PRO A 420 -21.21 24.99 39.33
C PRO A 420 -22.16 23.79 39.18
N ASP A 421 -22.48 23.14 40.30
CA ASP A 421 -23.39 22.01 40.29
C ASP A 421 -24.84 22.47 40.36
N GLN A 422 -25.38 22.86 39.22
CA GLN A 422 -26.78 23.24 39.14
C GLN A 422 -27.45 22.52 37.99
N ALA A 423 -28.77 22.65 37.88
CA ALA A 423 -29.51 21.94 36.86
C ALA A 423 -29.73 22.82 35.64
N ARG A 424 -29.85 22.18 34.49
CA ARG A 424 -30.26 22.89 33.29
C ARG A 424 -31.76 23.10 33.37
N VAL A 425 -32.23 24.29 33.01
CA VAL A 425 -33.65 24.58 33.03
C VAL A 425 -34.34 24.12 31.75
N VAL B 19 6.19 -4.91 -45.98
CA VAL B 19 5.95 -4.26 -44.69
C VAL B 19 6.70 -2.94 -44.59
N ASP B 20 6.02 -1.91 -44.11
CA ASP B 20 6.65 -0.62 -43.90
C ASP B 20 7.14 -0.48 -42.45
N TRP B 21 8.43 -0.62 -42.27
CA TRP B 21 9.04 -0.54 -40.94
C TRP B 21 9.35 0.89 -40.53
N ARG B 22 9.41 1.78 -41.51
CA ARG B 22 9.74 3.18 -41.24
C ARG B 22 8.55 3.94 -40.64
N ASP B 23 7.39 3.31 -40.62
CA ASP B 23 6.21 3.87 -39.95
C ASP B 23 6.07 3.36 -38.52
N GLU B 24 7.22 3.11 -37.90
CA GLU B 24 7.26 2.73 -36.50
C GLU B 24 7.37 3.98 -35.64
N PRO B 25 6.89 3.90 -34.39
CA PRO B 25 6.99 5.07 -33.51
C PRO B 25 8.45 5.42 -33.23
N GLU B 26 8.71 6.69 -32.97
CA GLU B 26 10.05 7.14 -32.64
C GLU B 26 10.55 6.41 -31.41
N PRO B 27 11.84 6.03 -31.40
CA PRO B 27 12.44 5.45 -30.19
C PRO B 27 12.32 6.39 -29.01
N SER B 28 12.30 5.83 -27.80
CA SER B 28 12.06 6.61 -26.59
C SER B 28 12.40 5.80 -25.35
N ALA B 29 12.81 6.50 -24.29
CA ALA B 29 13.08 5.88 -23.00
C ALA B 29 11.78 5.65 -22.23
N CYS B 30 10.72 6.33 -22.64
CA CYS B 30 9.44 6.25 -21.94
C CYS B 30 8.66 5.00 -22.35
N GLU B 31 8.23 4.24 -21.35
CA GLU B 31 7.52 3.00 -21.61
C GLU B 31 6.21 2.97 -20.83
N GLN B 32 5.15 2.48 -21.46
CA GLN B 32 3.85 2.39 -20.81
C GLN B 32 3.56 0.93 -20.48
N VAL B 33 2.80 0.71 -19.42
CA VAL B 33 2.42 -0.65 -19.02
C VAL B 33 0.93 -0.75 -18.73
N SER B 34 0.28 -1.78 -19.29
CA SER B 34 -1.08 -2.12 -18.90
C SER B 34 -1.14 -3.54 -18.36
N TRP B 35 -1.99 -3.76 -17.37
CA TRP B 35 -2.08 -5.05 -16.69
C TRP B 35 -3.35 -5.81 -17.09
N PHE B 36 -3.35 -7.11 -16.85
CA PHE B 36 -4.57 -7.91 -16.90
C PHE B 36 -5.54 -7.34 -15.89
N PRO B 37 -6.85 -7.51 -16.13
CA PRO B 37 -7.83 -7.17 -15.09
C PRO B 37 -7.59 -8.06 -13.87
N GLU B 38 -7.80 -7.53 -12.66
CA GLU B 38 -7.60 -8.35 -11.48
C GLU B 38 -8.59 -9.49 -11.46
N CYS B 39 -8.10 -10.70 -11.18
CA CYS B 39 -8.91 -11.90 -11.19
C CYS B 39 -9.92 -11.91 -10.03
N THR B 40 -11.17 -12.18 -10.36
CA THR B 40 -12.25 -12.17 -9.38
C THR B 40 -12.72 -13.59 -9.04
N THR B 41 -12.58 -14.50 -10.00
CA THR B 41 -12.97 -15.90 -9.79
C THR B 41 -12.06 -16.59 -8.77
N GLU B 42 -12.59 -17.63 -8.14
CA GLU B 42 -11.85 -18.38 -7.13
C GLU B 42 -10.72 -19.21 -7.74
N ILE B 43 -9.72 -19.49 -6.92
CA ILE B 43 -8.59 -20.30 -7.33
C ILE B 43 -9.06 -21.72 -7.59
N PRO B 44 -8.66 -22.30 -8.73
CA PRO B 44 -9.04 -23.68 -9.03
C PRO B 44 -8.50 -24.64 -7.98
N ASP B 45 -9.31 -25.61 -7.56
CA ASP B 45 -8.84 -26.62 -6.61
C ASP B 45 -8.61 -27.95 -7.32
N THR B 46 -8.11 -28.93 -6.57
CA THR B 46 -7.79 -30.24 -7.13
C THR B 46 -8.98 -30.85 -7.88
N GLN B 47 -10.16 -30.70 -7.28
CA GLN B 47 -11.38 -31.25 -7.83
C GLN B 47 -11.70 -30.67 -9.21
N GLU B 48 -11.66 -29.35 -9.32
CA GLU B 48 -12.02 -28.68 -10.56
C GLU B 48 -11.03 -28.97 -11.68
N MET B 49 -9.75 -29.06 -11.34
CA MET B 49 -8.68 -29.25 -12.33
C MET B 49 -8.49 -30.72 -12.71
N SER B 50 -9.27 -31.59 -12.10
CA SER B 50 -9.11 -33.04 -12.28
C SER B 50 -9.33 -33.51 -13.71
N ASP B 51 -9.94 -32.67 -14.54
CA ASP B 51 -10.17 -33.02 -15.93
C ASP B 51 -9.52 -32.01 -16.88
N TRP B 52 -8.66 -31.16 -16.34
CA TRP B 52 -8.07 -30.06 -17.13
C TRP B 52 -6.90 -30.47 -18.03
N MET B 53 -6.15 -31.49 -17.63
CA MET B 53 -4.99 -31.91 -18.42
C MET B 53 -5.38 -32.76 -19.62
N VAL B 54 -5.10 -32.25 -20.82
CA VAL B 54 -5.40 -32.96 -22.05
C VAL B 54 -4.13 -33.48 -22.73
N VAL B 55 -4.09 -34.78 -23.00
CA VAL B 55 -2.93 -35.36 -23.69
C VAL B 55 -3.30 -35.80 -25.11
N GLY B 56 -2.46 -35.44 -26.07
CA GLY B 56 -2.69 -35.78 -27.47
C GLY B 56 -1.43 -35.92 -28.28
N LYS B 57 -1.57 -35.94 -29.61
CA LYS B 57 -0.44 -36.05 -30.51
C LYS B 57 0.53 -34.90 -30.32
N ARG B 58 1.83 -35.21 -30.29
CA ARG B 58 2.86 -34.18 -30.22
C ARG B 58 2.77 -33.30 -31.47
N LYS B 59 2.69 -31.99 -31.26
CA LYS B 59 2.51 -31.06 -32.37
C LYS B 59 3.71 -30.12 -32.56
N MET B 60 4.41 -30.29 -33.67
CA MET B 60 5.56 -29.46 -33.98
C MET B 60 5.26 -28.44 -35.07
N ILE B 61 4.00 -28.07 -35.20
CA ILE B 61 3.61 -27.02 -36.13
C ILE B 61 3.02 -25.84 -35.36
N ILE B 62 3.39 -24.62 -35.75
CA ILE B 62 2.94 -23.43 -35.05
C ILE B 62 2.01 -22.57 -35.91
N GLU B 63 2.12 -22.73 -37.24
CA GLU B 63 1.55 -21.76 -38.18
C GLU B 63 0.04 -21.55 -38.10
N ASP B 64 -0.69 -22.49 -37.48
CA ASP B 64 -2.15 -22.39 -37.41
C ASP B 64 -2.65 -21.96 -36.04
N GLU B 65 -1.74 -21.76 -35.09
CA GLU B 65 -2.12 -21.37 -33.73
C GLU B 65 -2.66 -19.95 -33.69
N THR B 66 -3.93 -19.80 -34.03
CA THR B 66 -4.55 -18.49 -34.15
C THR B 66 -5.67 -18.28 -33.12
N GLU B 67 -5.71 -19.13 -32.11
CA GLU B 67 -6.72 -19.03 -31.06
C GLU B 67 -6.67 -17.71 -30.29
N PHE B 68 -5.50 -17.10 -30.20
CA PHE B 68 -5.37 -15.82 -29.51
C PHE B 68 -4.61 -14.79 -30.34
N CYS B 69 -4.58 -15.01 -31.66
CA CYS B 69 -3.91 -14.07 -32.55
C CYS B 69 -4.46 -14.18 -33.97
N GLY B 70 -4.60 -13.04 -34.63
CA GLY B 70 -5.09 -13.01 -36.00
C GLY B 70 -4.19 -13.75 -36.97
N GLU B 71 -4.79 -14.51 -37.89
CA GLU B 71 -4.06 -15.32 -38.85
C GLU B 71 -3.06 -14.54 -39.69
N GLU B 72 -3.42 -13.32 -40.07
CA GLU B 72 -2.49 -12.43 -40.78
C GLU B 72 -1.23 -12.19 -39.95
N LEU B 73 -1.41 -11.74 -38.71
CA LEU B 73 -0.29 -11.39 -37.85
C LEU B 73 0.67 -12.54 -37.56
N LEU B 74 0.13 -13.71 -37.23
CA LEU B 74 0.94 -14.90 -36.95
C LEU B 74 1.80 -15.25 -38.15
N HIS B 75 1.16 -15.36 -39.31
CA HIS B 75 1.83 -15.75 -40.56
C HIS B 75 2.87 -14.72 -40.99
N SER B 76 2.59 -13.45 -40.74
CA SER B 76 3.48 -12.38 -41.13
C SER B 76 4.77 -12.40 -40.30
N VAL B 77 4.66 -12.71 -39.01
CA VAL B 77 5.82 -12.72 -38.13
C VAL B 77 6.68 -13.98 -38.34
N LEU B 78 6.09 -15.00 -38.95
CA LEU B 78 6.79 -16.26 -39.21
C LEU B 78 7.55 -16.18 -40.53
N GLN B 79 6.91 -15.62 -41.55
CA GLN B 79 7.56 -15.40 -42.83
C GLN B 79 8.65 -14.37 -42.66
N CYS B 80 8.47 -13.48 -41.68
CA CYS B 80 9.47 -12.45 -41.38
C CYS B 80 10.69 -13.02 -40.66
N LYS B 81 10.47 -14.02 -39.82
CA LYS B 81 11.56 -14.73 -39.18
C LYS B 81 12.28 -15.58 -40.21
N SER B 82 11.49 -16.30 -41.03
CA SER B 82 12.04 -17.26 -41.99
C SER B 82 12.86 -16.64 -43.12
N VAL B 83 12.72 -15.33 -43.31
CA VAL B 83 13.57 -14.60 -44.24
C VAL B 83 15.05 -14.90 -44.00
N PHE B 84 15.44 -14.99 -42.73
CA PHE B 84 16.83 -15.17 -42.35
C PHE B 84 17.26 -16.65 -42.37
N ASP B 85 16.41 -17.51 -42.92
CA ASP B 85 16.75 -18.93 -43.06
C ASP B 85 17.89 -19.15 -44.04
N VAL B 86 18.05 -18.21 -44.98
CA VAL B 86 19.06 -18.31 -46.01
C VAL B 86 20.08 -17.19 -45.87
N LEU B 87 19.81 -16.26 -44.96
CA LEU B 87 20.72 -15.15 -44.69
C LEU B 87 21.79 -15.58 -43.69
N ASP B 88 22.98 -15.02 -43.84
CA ASP B 88 24.11 -15.36 -42.98
C ASP B 88 23.84 -14.90 -41.55
N GLY B 89 24.14 -15.76 -40.59
CA GLY B 89 23.84 -15.48 -39.19
C GLY B 89 24.58 -14.29 -38.60
N GLU B 90 25.87 -14.19 -38.90
CA GLU B 90 26.67 -13.06 -38.44
C GLU B 90 26.28 -11.80 -39.20
N GLU B 91 26.06 -11.96 -40.49
CA GLU B 91 25.69 -10.84 -41.34
C GLU B 91 24.33 -10.28 -40.92
N MET B 92 23.53 -11.13 -40.30
CA MET B 92 22.21 -10.73 -39.81
C MET B 92 22.31 -9.98 -38.49
N ARG B 93 23.15 -10.48 -37.59
CA ARG B 93 23.33 -9.87 -36.28
C ARG B 93 24.05 -8.52 -36.36
N ARG B 94 24.69 -8.24 -37.49
CA ARG B 94 25.38 -6.97 -37.68
C ARG B 94 24.40 -5.89 -38.12
N ALA B 95 23.32 -6.31 -38.79
CA ALA B 95 22.25 -5.40 -39.17
C ALA B 95 21.35 -5.15 -37.96
N ARG B 96 21.18 -6.19 -37.16
CA ARG B 96 20.42 -6.14 -35.92
C ARG B 96 21.04 -5.09 -34.99
N THR B 97 22.36 -5.10 -34.89
CA THR B 97 23.10 -4.16 -34.06
C THR B 97 22.90 -2.71 -34.52
N ARG B 98 22.63 -2.55 -35.81
CA ARG B 98 22.45 -1.23 -36.39
C ARG B 98 20.99 -0.77 -36.35
N ALA B 99 20.06 -1.73 -36.43
CA ALA B 99 18.64 -1.42 -36.52
C ALA B 99 18.02 -1.12 -35.15
N ASN B 100 18.59 -1.71 -34.11
CA ASN B 100 18.07 -1.59 -32.76
C ASN B 100 18.59 -0.35 -32.03
N PRO B 101 17.71 0.64 -31.79
CA PRO B 101 18.09 1.91 -31.16
C PRO B 101 18.52 1.77 -29.70
N TYR B 102 18.22 0.62 -29.09
CA TYR B 102 18.56 0.40 -27.69
C TYR B 102 19.74 -0.56 -27.54
N GLU B 103 20.44 -0.78 -28.64
CA GLU B 103 21.50 -1.80 -28.67
C GLU B 103 22.72 -1.40 -27.84
N MET B 104 23.09 -0.12 -27.92
CA MET B 104 24.33 0.35 -27.30
C MET B 104 24.32 0.31 -25.78
N ILE B 105 23.14 0.11 -25.19
CA ILE B 105 23.03 0.01 -23.75
C ILE B 105 23.85 -1.18 -23.24
N ARG B 106 23.62 -2.33 -23.87
CA ARG B 106 24.33 -3.55 -23.52
C ARG B 106 24.23 -3.81 -22.03
N GLY B 107 25.32 -4.23 -21.41
CA GLY B 107 25.30 -4.57 -19.99
C GLY B 107 25.92 -3.53 -19.09
N VAL B 108 26.30 -2.39 -19.69
CA VAL B 108 27.07 -1.35 -19.00
C VAL B 108 28.22 -1.96 -18.21
N PHE B 109 28.12 -1.93 -16.88
CA PHE B 109 29.19 -2.45 -16.04
C PHE B 109 28.86 -3.81 -15.42
N PHE B 110 27.80 -4.45 -15.93
CA PHE B 110 27.42 -5.78 -15.46
C PHE B 110 28.06 -6.85 -16.34
N LEU B 111 27.74 -8.11 -16.08
CA LEU B 111 28.39 -9.21 -16.81
C LEU B 111 27.75 -9.51 -18.16
N ASN B 112 26.46 -9.20 -18.29
CA ASN B 112 25.79 -9.32 -19.58
C ASN B 112 24.70 -8.27 -19.76
N ARG B 113 23.99 -8.33 -20.87
CA ARG B 113 22.93 -7.37 -21.13
C ARG B 113 21.65 -7.73 -20.38
N ALA B 114 21.57 -8.99 -19.96
CA ALA B 114 20.41 -9.48 -19.23
C ALA B 114 20.22 -8.74 -17.92
N ALA B 115 21.34 -8.37 -17.28
CA ALA B 115 21.29 -7.61 -16.02
C ALA B 115 20.60 -6.27 -16.22
N MET B 116 20.82 -5.66 -17.37
CA MET B 116 20.20 -4.37 -17.66
C MET B 116 18.71 -4.48 -17.96
N LYS B 117 18.23 -5.69 -18.22
CA LYS B 117 16.80 -5.93 -18.37
C LYS B 117 16.10 -5.77 -17.02
N MET B 118 16.73 -6.30 -15.97
CA MET B 118 16.23 -6.12 -14.61
C MET B 118 16.40 -4.69 -14.12
N ALA B 119 17.45 -4.02 -14.59
CA ALA B 119 17.64 -2.60 -14.28
C ALA B 119 16.53 -1.82 -14.96
N ASN B 120 16.21 -2.24 -16.18
CA ASN B 120 15.16 -1.65 -16.99
C ASN B 120 13.80 -1.82 -16.33
N MET B 121 13.52 -3.05 -15.90
CA MET B 121 12.19 -3.38 -15.40
C MET B 121 11.95 -3.02 -13.94
N ASP B 122 13.02 -3.01 -13.14
CA ASP B 122 12.89 -2.63 -11.73
C ASP B 122 12.42 -1.18 -11.65
N PHE B 123 12.92 -0.36 -12.56
CA PHE B 123 12.47 1.03 -12.62
C PHE B 123 11.02 1.14 -13.08
N VAL B 124 10.70 0.49 -14.19
CA VAL B 124 9.37 0.56 -14.78
C VAL B 124 8.28 0.12 -13.80
N PHE B 125 8.54 -0.95 -13.05
CA PHE B 125 7.56 -1.46 -12.09
C PHE B 125 7.77 -0.90 -10.68
N ASP B 126 8.32 0.31 -10.61
CA ASP B 126 8.44 1.07 -9.37
C ASP B 126 9.11 0.29 -8.23
N ARG B 127 10.34 -0.15 -8.47
CA ARG B 127 11.14 -0.85 -7.46
C ARG B 127 10.45 -2.08 -6.87
N MET B 128 9.55 -2.65 -7.66
CA MET B 128 8.83 -3.86 -7.31
C MET B 128 9.74 -4.99 -6.82
N PHE B 129 10.97 -5.02 -7.31
CA PHE B 129 11.88 -6.12 -6.99
C PHE B 129 12.91 -5.75 -5.93
N THR B 130 13.51 -4.58 -6.03
CA THR B 130 14.48 -4.16 -5.05
C THR B 130 13.82 -3.65 -3.77
N ASN B 131 12.56 -3.21 -3.87
CA ASN B 131 11.81 -2.81 -2.69
C ASN B 131 10.34 -3.23 -2.77
N PRO B 132 10.08 -4.55 -2.62
CA PRO B 132 8.74 -5.12 -2.79
C PRO B 132 7.73 -4.65 -1.73
N ARG B 133 6.57 -4.20 -2.19
CA ARG B 133 5.49 -3.80 -1.31
C ARG B 133 4.38 -4.82 -1.37
N ASP B 134 3.34 -4.64 -0.55
CA ASP B 134 2.13 -5.43 -0.67
C ASP B 134 1.07 -4.65 -1.41
N SER B 135 -0.14 -5.20 -1.44
CA SER B 135 -1.24 -4.61 -2.20
C SER B 135 -1.67 -3.28 -1.59
N TYR B 136 -1.38 -3.10 -0.31
CA TYR B 136 -1.83 -1.92 0.43
C TYR B 136 -0.82 -0.79 0.37
N GLY B 137 0.37 -1.08 -0.14
CA GLY B 137 1.42 -0.08 -0.26
C GLY B 137 2.48 -0.19 0.82
N LYS B 138 2.39 -1.25 1.63
CA LYS B 138 3.34 -1.48 2.70
C LYS B 138 4.47 -2.40 2.24
N PRO B 139 5.72 -1.96 2.44
CA PRO B 139 6.87 -2.80 2.09
C PRO B 139 6.84 -4.12 2.85
N LEU B 140 7.48 -5.15 2.29
CA LEU B 140 7.52 -6.47 2.91
C LEU B 140 8.77 -6.62 3.78
N VAL B 141 9.72 -5.71 3.62
CA VAL B 141 11.02 -5.81 4.29
C VAL B 141 11.45 -4.48 4.91
N LYS B 142 11.73 -4.50 6.21
CA LYS B 142 12.18 -3.31 6.93
C LYS B 142 13.66 -3.02 6.65
N ASP B 143 13.92 -1.91 5.96
CA ASP B 143 15.27 -1.49 5.61
C ASP B 143 16.20 -1.41 6.83
N ARG B 144 15.82 -0.60 7.81
CA ARG B 144 16.60 -0.50 9.05
C ARG B 144 16.47 -1.76 9.89
N GLU B 147 15.27 -5.79 8.52
CA GLU B 147 15.10 -7.18 8.13
C GLU B 147 15.90 -7.50 6.87
N LEU B 148 15.70 -8.71 6.34
CA LEU B 148 16.46 -9.17 5.18
C LEU B 148 15.54 -9.51 4.00
N LEU B 149 15.96 -9.09 2.80
CA LEU B 149 15.21 -9.38 1.58
C LEU B 149 15.63 -10.72 1.00
N TYR B 150 14.67 -11.62 0.81
CA TYR B 150 14.95 -12.92 0.19
C TYR B 150 14.47 -12.99 -1.25
N PHE B 151 15.33 -13.45 -2.14
CA PHE B 151 14.94 -13.66 -3.53
C PHE B 151 15.51 -14.95 -4.11
N ALA B 152 14.86 -15.43 -5.16
CA ALA B 152 15.36 -16.59 -5.88
C ALA B 152 15.59 -16.24 -7.34
N ASP B 153 16.59 -16.88 -7.95
CA ASP B 153 16.91 -16.64 -9.35
C ASP B 153 17.11 -17.97 -10.07
N VAL B 154 16.11 -18.39 -10.83
CA VAL B 154 16.18 -19.68 -11.51
C VAL B 154 16.36 -19.56 -13.03
N CYS B 155 17.01 -20.57 -13.61
CA CYS B 155 17.34 -20.59 -15.03
C CYS B 155 18.10 -19.32 -15.38
N ALA B 156 19.27 -19.16 -14.76
CA ALA B 156 19.84 -17.83 -14.57
C ALA B 156 21.34 -17.62 -14.83
N GLY B 157 22.06 -18.67 -15.24
CA GLY B 157 23.47 -18.51 -15.56
C GLY B 157 23.66 -17.52 -16.69
N PRO B 158 24.69 -16.65 -16.61
CA PRO B 158 25.75 -16.54 -15.60
C PRO B 158 25.37 -15.80 -14.31
N GLY B 159 24.25 -15.08 -14.29
CA GLY B 159 23.74 -14.48 -13.07
C GLY B 159 23.49 -12.98 -13.08
N GLY B 160 23.33 -12.42 -14.28
CA GLY B 160 23.11 -10.98 -14.44
C GLY B 160 21.93 -10.42 -13.66
N PHE B 161 20.83 -11.16 -13.59
CA PHE B 161 19.65 -10.73 -12.84
C PHE B 161 19.98 -10.55 -11.37
N SER B 162 20.71 -11.52 -10.81
CA SER B 162 21.12 -11.45 -9.42
C SER B 162 22.19 -10.39 -9.21
N GLU B 163 23.03 -10.20 -10.22
CA GLU B 163 24.05 -9.17 -10.15
C GLU B 163 23.43 -7.80 -9.91
N TYR B 164 22.35 -7.51 -10.62
CA TYR B 164 21.67 -6.23 -10.45
C TYR B 164 21.11 -6.08 -9.04
N VAL B 165 20.39 -7.09 -8.58
CA VAL B 165 19.73 -7.05 -7.28
C VAL B 165 20.73 -6.91 -6.15
N LEU B 166 21.77 -7.74 -6.18
CA LEU B 166 22.78 -7.74 -5.13
C LEU B 166 23.55 -6.42 -5.13
N TRP B 167 23.85 -5.91 -6.31
CA TRP B 167 24.54 -4.63 -6.43
C TRP B 167 23.68 -3.50 -5.87
N ARG B 168 22.38 -3.67 -5.97
CA ARG B 168 21.46 -2.63 -5.53
C ARG B 168 21.10 -2.77 -4.05
N LYS B 169 21.13 -4.00 -3.54
CA LYS B 169 20.67 -4.27 -2.18
C LYS B 169 21.81 -4.61 -1.21
N LYS B 170 23.00 -4.83 -1.77
CA LYS B 170 24.19 -5.13 -0.96
C LYS B 170 23.99 -6.30 -0.01
N TRP B 171 24.26 -6.07 1.27
CA TRP B 171 24.14 -7.14 2.27
C TRP B 171 22.74 -7.23 2.87
N HIS B 172 21.81 -6.46 2.32
CA HIS B 172 20.43 -6.50 2.80
C HIS B 172 19.56 -7.48 2.01
N ALA B 173 20.19 -8.20 1.09
CA ALA B 173 19.51 -9.23 0.32
C ALA B 173 20.29 -10.54 0.32
N LYS B 174 19.56 -11.65 0.26
CA LYS B 174 20.14 -12.99 0.20
C LYS B 174 19.44 -13.79 -0.88
N GLY B 175 20.18 -14.18 -1.91
CA GLY B 175 19.59 -14.82 -3.07
C GLY B 175 19.89 -16.30 -3.21
N PHE B 176 18.92 -17.05 -3.72
CA PHE B 176 19.08 -18.48 -3.95
C PHE B 176 18.94 -18.78 -5.44
N GLY B 177 19.97 -19.37 -6.03
CA GLY B 177 19.97 -19.61 -7.46
C GLY B 177 20.07 -21.05 -7.91
N MET B 178 19.28 -21.41 -8.92
CA MET B 178 19.46 -22.69 -9.61
C MET B 178 19.48 -22.49 -11.12
N THR B 179 20.44 -23.14 -11.77
CA THR B 179 20.57 -23.10 -13.23
C THR B 179 21.30 -24.34 -13.71
N LEU B 180 21.23 -24.61 -15.01
CA LEU B 180 21.95 -25.74 -15.60
C LEU B 180 23.47 -25.61 -15.51
N LYS B 181 24.11 -26.62 -14.92
CA LYS B 181 25.57 -26.75 -14.94
C LYS B 181 26.08 -26.71 -16.38
N GLY B 182 27.38 -26.48 -16.55
CA GLY B 182 27.96 -26.42 -17.88
C GLY B 182 28.54 -25.05 -18.18
N PRO B 183 28.68 -24.74 -19.48
CA PRO B 183 29.28 -23.49 -19.96
C PRO B 183 28.46 -22.27 -19.58
N ASN B 184 27.18 -22.47 -19.26
CA ASN B 184 26.30 -21.37 -18.92
C ASN B 184 25.93 -21.38 -17.43
N ASP B 185 26.85 -21.89 -16.61
CA ASP B 185 26.63 -21.95 -15.17
C ASP B 185 26.82 -20.56 -14.56
N PHE B 186 26.51 -20.44 -13.27
CA PHE B 186 26.70 -19.18 -12.55
C PHE B 186 28.16 -18.76 -12.55
N LYS B 187 28.39 -17.45 -12.59
CA LYS B 187 29.74 -16.93 -12.52
C LYS B 187 29.85 -15.91 -11.39
N LEU B 188 29.86 -16.43 -10.16
CA LEU B 188 29.94 -15.61 -8.95
C LEU B 188 31.11 -14.64 -8.97
N GLU B 189 32.30 -15.15 -9.24
CA GLU B 189 33.51 -14.33 -9.22
C GLU B 189 33.47 -13.13 -10.18
N ASP B 190 32.51 -13.16 -11.11
CA ASP B 190 32.39 -12.09 -12.09
C ASP B 190 31.32 -11.05 -11.72
N PHE B 191 30.63 -11.27 -10.61
CA PHE B 191 29.65 -10.28 -10.14
C PHE B 191 30.34 -8.99 -9.72
N TYR B 192 29.83 -7.86 -10.21
CA TYR B 192 30.38 -6.54 -9.91
C TYR B 192 30.50 -6.32 -8.41
N SER B 193 29.51 -6.81 -7.66
CA SER B 193 29.56 -6.80 -6.21
C SER B 193 29.53 -8.24 -5.70
N ALA B 194 28.56 -8.52 -4.82
CA ALA B 194 28.23 -9.88 -4.36
C ALA B 194 29.34 -10.66 -3.66
N SER B 195 28.95 -11.84 -3.17
CA SER B 195 29.86 -12.79 -2.52
C SER B 195 29.09 -14.10 -2.34
N SER B 196 29.69 -15.04 -1.63
CA SER B 196 29.04 -16.33 -1.38
C SER B 196 28.00 -16.27 -0.26
N GLU B 197 28.07 -15.22 0.56
CA GLU B 197 27.11 -15.04 1.65
C GLU B 197 25.89 -14.25 1.19
N LEU B 198 25.97 -13.67 0.00
CA LEU B 198 24.86 -12.92 -0.58
C LEU B 198 24.05 -13.79 -1.55
N PHE B 199 24.75 -14.67 -2.25
CA PHE B 199 24.14 -15.51 -3.27
C PHE B 199 24.58 -16.95 -3.09
N GLU B 200 23.63 -17.84 -2.82
CA GLU B 200 23.96 -19.24 -2.58
C GLU B 200 23.31 -20.20 -3.57
N PRO B 201 24.09 -20.69 -4.55
CA PRO B 201 23.64 -21.65 -5.58
C PRO B 201 23.32 -23.04 -5.02
N TYR B 202 22.25 -23.65 -5.55
CA TYR B 202 21.80 -24.97 -5.14
C TYR B 202 21.24 -25.69 -6.36
N TYR B 203 21.76 -26.87 -6.65
CA TYR B 203 21.54 -27.49 -7.97
C TYR B 203 20.55 -28.65 -8.00
N GLY B 204 19.67 -28.72 -7.01
CA GLY B 204 18.64 -29.73 -6.98
C GLY B 204 18.93 -30.85 -6.01
N GLU B 205 18.67 -32.08 -6.43
CA GLU B 205 18.99 -33.23 -5.58
C GLU B 205 20.50 -33.45 -5.55
N GLY B 206 21.05 -33.50 -4.35
CA GLY B 206 22.49 -33.61 -4.18
C GLY B 206 23.09 -32.29 -3.77
N GLY B 207 22.28 -31.24 -3.81
CA GLY B 207 22.71 -29.91 -3.43
C GLY B 207 23.66 -29.31 -4.43
N ILE B 208 24.86 -28.95 -3.98
CA ILE B 208 25.88 -28.35 -4.84
C ILE B 208 26.34 -29.32 -5.93
N ASP B 209 25.96 -30.59 -5.77
CA ASP B 209 26.35 -31.65 -6.68
C ASP B 209 25.28 -32.01 -7.72
N GLY B 210 24.13 -31.33 -7.66
CA GLY B 210 23.08 -31.55 -8.63
C GLY B 210 23.42 -31.02 -10.01
N ASP B 211 22.53 -31.22 -10.97
CA ASP B 211 22.74 -30.70 -12.32
C ASP B 211 22.01 -29.38 -12.57
N GLY B 212 21.09 -29.04 -11.68
CA GLY B 212 20.36 -27.80 -11.76
C GLY B 212 19.24 -27.80 -12.79
N ASP B 213 18.92 -28.97 -13.33
CA ASP B 213 17.81 -29.08 -14.27
C ASP B 213 16.50 -28.87 -13.53
N ILE B 214 15.85 -27.75 -13.84
CA ILE B 214 14.62 -27.33 -13.16
C ILE B 214 13.43 -28.18 -13.62
N THR B 215 13.62 -28.98 -14.66
CA THR B 215 12.54 -29.80 -15.18
C THR B 215 12.49 -31.17 -14.52
N ARG B 216 13.36 -31.39 -13.54
CA ARG B 216 13.35 -32.64 -12.79
C ARG B 216 12.62 -32.48 -11.47
N PRO B 217 11.60 -33.33 -11.23
CA PRO B 217 10.81 -33.32 -9.99
C PRO B 217 11.70 -33.36 -8.74
N GLU B 218 12.78 -34.12 -8.79
CA GLU B 218 13.73 -34.22 -7.68
C GLU B 218 14.32 -32.86 -7.35
N ASN B 219 14.89 -32.22 -8.37
CA ASN B 219 15.48 -30.90 -8.23
C ASN B 219 14.46 -29.87 -7.77
N ILE B 220 13.24 -30.00 -8.26
CA ILE B 220 12.17 -29.08 -7.88
C ILE B 220 11.92 -29.12 -6.38
N SER B 221 11.59 -30.31 -5.87
CA SER B 221 11.33 -30.49 -4.45
C SER B 221 12.51 -30.05 -3.60
N ALA B 222 13.71 -30.43 -4.05
CA ALA B 222 14.94 -30.17 -3.31
C ALA B 222 15.25 -28.68 -3.18
N PHE B 223 15.18 -27.96 -4.29
CA PHE B 223 15.40 -26.51 -4.25
C PHE B 223 14.29 -25.82 -3.46
N ARG B 224 13.09 -26.39 -3.49
CA ARG B 224 11.98 -25.87 -2.69
C ARG B 224 12.29 -26.00 -1.21
N ASN B 225 12.63 -27.22 -0.79
CA ASN B 225 13.00 -27.46 0.61
C ASN B 225 14.15 -26.57 1.04
N PHE B 226 15.15 -26.43 0.19
CA PHE B 226 16.32 -25.61 0.48
C PHE B 226 15.93 -24.15 0.72
N VAL B 227 15.15 -23.59 -0.20
CA VAL B 227 14.72 -22.20 -0.12
C VAL B 227 13.87 -21.94 1.13
N LEU B 228 13.02 -22.90 1.47
CA LEU B 228 12.16 -22.79 2.64
C LEU B 228 12.96 -22.89 3.94
N ASP B 229 13.99 -23.74 3.95
CA ASP B 229 14.83 -23.92 5.13
C ASP B 229 15.66 -22.69 5.45
N ASN B 230 15.71 -21.75 4.51
CA ASN B 230 16.53 -20.56 4.67
C ASN B 230 15.71 -19.28 4.57
N THR B 231 14.40 -19.40 4.70
CA THR B 231 13.51 -18.25 4.63
C THR B 231 12.44 -18.33 5.72
N ASP B 232 12.84 -18.90 6.86
CA ASP B 232 11.93 -19.09 8.00
C ASP B 232 10.68 -19.87 7.58
N ARG B 233 10.85 -20.75 6.60
CA ARG B 233 9.78 -21.55 6.02
C ARG B 233 8.67 -20.71 5.36
N LYS B 234 8.95 -19.42 5.13
CA LYS B 234 7.99 -18.54 4.48
C LYS B 234 8.16 -18.54 2.96
N GLY B 235 9.39 -18.69 2.49
CA GLY B 235 9.69 -18.59 1.07
C GLY B 235 10.30 -17.24 0.72
N VAL B 236 10.57 -17.01 -0.55
CA VAL B 236 11.24 -15.77 -0.97
C VAL B 236 10.26 -14.63 -1.23
N HIS B 237 10.76 -13.39 -1.14
CA HIS B 237 9.91 -12.22 -1.38
C HIS B 237 9.52 -12.14 -2.85
N PHE B 238 10.45 -12.52 -3.72
CA PHE B 238 10.15 -12.62 -5.14
C PHE B 238 11.04 -13.64 -5.83
N LEU B 239 10.58 -14.09 -6.99
CA LEU B 239 11.36 -14.99 -7.82
C LEU B 239 11.50 -14.42 -9.23
N MET B 240 12.71 -14.49 -9.77
CA MET B 240 12.92 -14.18 -11.17
C MET B 240 13.36 -15.43 -11.94
N ALA B 241 12.77 -15.63 -13.11
CA ALA B 241 13.16 -16.73 -13.99
C ALA B 241 13.37 -16.19 -15.41
N ASP B 242 14.47 -16.58 -16.04
CA ASP B 242 14.81 -16.08 -17.37
C ASP B 242 15.31 -17.20 -18.29
N GLY B 243 14.65 -18.36 -18.22
CA GLY B 243 15.09 -19.55 -18.94
C GLY B 243 15.01 -19.54 -20.46
N GLY B 244 16.04 -20.09 -21.09
CA GLY B 244 16.12 -20.19 -22.54
C GLY B 244 17.27 -21.09 -22.98
N PHE B 245 17.23 -21.50 -24.24
CA PHE B 245 18.31 -22.32 -24.82
C PHE B 245 18.26 -22.20 -26.32
N SER B 246 19.27 -22.75 -27.00
CA SER B 246 19.36 -22.62 -28.45
C SER B 246 18.24 -23.38 -29.15
N VAL B 247 17.56 -22.70 -30.07
CA VAL B 247 16.58 -23.34 -30.94
C VAL B 247 17.00 -23.17 -32.40
N GLU B 248 18.32 -23.16 -32.61
CA GLU B 248 18.90 -22.98 -33.94
C GLU B 248 18.40 -24.01 -34.95
N GLY B 249 17.99 -23.54 -36.13
CA GLY B 249 17.53 -24.41 -37.19
C GLY B 249 16.03 -24.62 -37.15
N GLN B 250 15.44 -24.39 -35.99
CA GLN B 250 14.00 -24.54 -35.79
C GLN B 250 13.52 -23.45 -34.87
N GLU B 251 13.86 -22.21 -35.22
CA GLU B 251 13.56 -21.04 -34.40
C GLU B 251 12.05 -20.79 -34.27
N ASN B 252 11.32 -21.06 -35.35
CA ASN B 252 9.88 -20.77 -35.38
C ASN B 252 9.08 -21.58 -34.37
N LEU B 253 9.67 -22.69 -33.90
CA LEU B 253 8.98 -23.57 -32.95
C LEU B 253 9.51 -23.40 -31.53
N GLN B 254 10.04 -22.21 -31.25
CA GLN B 254 10.67 -21.90 -29.97
C GLN B 254 9.74 -22.02 -28.76
N GLU B 255 8.51 -21.51 -28.88
CA GLU B 255 7.52 -21.61 -27.81
C GLU B 255 7.21 -23.06 -27.47
N ILE B 256 7.03 -23.88 -28.49
CA ILE B 256 6.70 -25.28 -28.27
C ILE B 256 7.89 -26.03 -27.66
N LEU B 257 9.08 -25.81 -28.22
CA LEU B 257 10.29 -26.48 -27.76
C LEU B 257 10.64 -26.19 -26.31
N SER B 258 10.16 -25.07 -25.78
CA SER B 258 10.44 -24.69 -24.40
C SER B 258 9.16 -24.61 -23.57
N LYS B 259 8.15 -25.38 -23.98
CA LYS B 259 6.87 -25.40 -23.27
C LYS B 259 7.03 -25.91 -21.84
N GLN B 260 7.91 -26.90 -21.63
CA GLN B 260 8.11 -27.50 -20.32
C GLN B 260 8.88 -26.59 -19.37
N LEU B 261 9.92 -25.93 -19.91
CA LEU B 261 10.74 -24.98 -19.17
C LEU B 261 9.86 -23.88 -18.60
N LEU B 262 8.91 -23.44 -19.42
CA LEU B 262 7.96 -22.40 -19.01
C LEU B 262 7.11 -22.87 -17.84
N LEU B 263 6.63 -24.10 -17.94
CA LEU B 263 5.75 -24.66 -16.92
C LEU B 263 6.48 -24.80 -15.60
N CYS B 264 7.71 -25.30 -15.67
CA CYS B 264 8.49 -25.54 -14.46
C CYS B 264 8.87 -24.24 -13.76
N GLN B 265 8.98 -23.17 -14.53
CA GLN B 265 9.31 -21.87 -13.96
C GLN B 265 8.10 -21.24 -13.28
N PHE B 266 6.93 -21.41 -13.87
CA PHE B 266 5.68 -20.93 -13.28
C PHE B 266 5.42 -21.73 -12.02
N LEU B 267 5.76 -23.02 -12.06
CA LEU B 267 5.54 -23.93 -10.95
C LEU B 267 6.48 -23.59 -9.80
N MET B 268 7.72 -23.26 -10.15
CA MET B 268 8.71 -22.94 -9.13
C MET B 268 8.26 -21.73 -8.34
N ALA B 269 7.59 -20.80 -9.01
CA ALA B 269 7.01 -19.62 -8.37
C ALA B 269 5.97 -20.02 -7.33
N LEU B 270 5.08 -20.92 -7.69
CA LEU B 270 4.03 -21.35 -6.77
C LEU B 270 4.59 -22.21 -5.65
N SER B 271 5.88 -22.54 -5.73
CA SER B 271 6.50 -23.49 -4.83
C SER B 271 7.37 -22.84 -3.75
N ILE B 272 7.92 -21.67 -4.04
CA ILE B 272 8.88 -21.02 -3.13
C ILE B 272 8.61 -19.54 -2.90
N VAL B 273 7.71 -18.95 -3.66
CA VAL B 273 7.35 -17.55 -3.44
C VAL B 273 6.36 -17.43 -2.30
N ARG B 274 6.70 -16.62 -1.30
CA ARG B 274 5.85 -16.40 -0.14
C ARG B 274 4.55 -15.70 -0.51
N THR B 275 3.58 -15.74 0.40
CA THR B 275 2.31 -15.06 0.21
C THR B 275 2.51 -13.55 0.10
N GLY B 276 1.93 -12.94 -0.93
CA GLY B 276 2.09 -11.52 -1.17
C GLY B 276 3.36 -11.25 -1.98
N GLY B 277 4.09 -12.33 -2.25
CA GLY B 277 5.34 -12.25 -3.00
C GLY B 277 5.18 -12.08 -4.50
N HIS B 278 6.28 -11.68 -5.14
CA HIS B 278 6.25 -11.36 -6.56
C HIS B 278 6.99 -12.39 -7.41
N PHE B 279 6.85 -12.26 -8.72
CA PHE B 279 7.39 -13.24 -9.66
C PHE B 279 7.46 -12.64 -11.07
N ILE B 280 8.65 -12.67 -11.65
CA ILE B 280 8.82 -12.23 -13.03
C ILE B 280 9.50 -13.32 -13.85
N CYS B 281 8.92 -13.66 -14.99
CA CYS B 281 9.41 -14.77 -15.80
C CYS B 281 9.44 -14.44 -17.28
N LYS B 282 10.54 -14.80 -17.94
CA LYS B 282 10.66 -14.64 -19.39
C LYS B 282 9.83 -15.69 -20.10
N THR B 283 9.04 -15.26 -21.07
CA THR B 283 8.37 -16.20 -21.96
C THR B 283 8.77 -15.86 -23.39
N PHE B 284 8.26 -16.63 -24.32
CA PHE B 284 8.49 -16.32 -25.72
C PHE B 284 7.15 -16.05 -26.35
N ASP B 285 6.93 -16.54 -27.57
CA ASP B 285 5.62 -16.45 -28.20
C ASP B 285 4.61 -17.11 -27.27
N LEU B 286 3.37 -16.61 -27.30
CA LEU B 286 2.31 -17.17 -26.47
C LEU B 286 1.06 -17.42 -27.32
N PHE B 287 1.26 -18.10 -28.46
CA PHE B 287 0.19 -18.41 -29.40
C PHE B 287 -0.59 -19.67 -28.99
N THR B 288 0.12 -20.69 -28.54
CA THR B 288 -0.52 -21.95 -28.17
C THR B 288 -1.42 -21.79 -26.93
N PRO B 289 -2.48 -22.61 -26.83
CA PRO B 289 -3.36 -22.56 -25.66
C PRO B 289 -2.67 -23.13 -24.43
N PHE B 290 -1.66 -23.97 -24.66
CA PHE B 290 -0.87 -24.51 -23.55
C PHE B 290 -0.22 -23.36 -22.79
N SER B 291 0.50 -22.52 -23.52
CA SER B 291 1.15 -21.36 -22.91
C SER B 291 0.15 -20.39 -22.28
N VAL B 292 -0.94 -20.12 -23.01
CA VAL B 292 -1.94 -19.18 -22.54
C VAL B 292 -2.63 -19.68 -21.29
N GLY B 293 -2.86 -21.00 -21.25
CA GLY B 293 -3.44 -21.62 -20.07
C GLY B 293 -2.57 -21.43 -18.85
N LEU B 294 -1.25 -21.46 -19.05
CA LEU B 294 -0.30 -21.28 -17.96
C LEU B 294 -0.35 -19.86 -17.40
N VAL B 295 -0.41 -18.87 -18.29
CA VAL B 295 -0.57 -17.49 -17.88
C VAL B 295 -1.84 -17.31 -17.08
N TYR B 296 -2.92 -17.92 -17.57
CA TYR B 296 -4.21 -17.88 -16.91
C TYR B 296 -4.11 -18.43 -15.49
N LEU B 297 -3.31 -19.47 -15.30
CA LEU B 297 -3.06 -20.00 -13.96
C LEU B 297 -2.32 -19.01 -13.07
N LEU B 298 -1.37 -18.28 -13.64
CA LEU B 298 -0.66 -17.25 -12.90
C LEU B 298 -1.64 -16.15 -12.55
N TYR B 299 -2.52 -15.85 -13.50
CA TYR B 299 -3.52 -14.80 -13.35
C TYR B 299 -4.52 -15.12 -12.21
N CYS B 300 -4.82 -16.41 -12.04
CA CYS B 300 -5.68 -16.85 -10.94
C CYS B 300 -4.93 -16.81 -9.61
N CYS B 301 -3.62 -17.03 -9.66
CA CYS B 301 -2.82 -17.19 -8.44
C CYS B 301 -2.25 -15.90 -7.86
N PHE B 302 -2.05 -14.90 -8.71
CA PHE B 302 -1.51 -13.62 -8.24
C PHE B 302 -2.59 -12.54 -8.26
N GLU B 303 -2.35 -11.46 -7.51
CA GLU B 303 -3.32 -10.38 -7.41
C GLU B 303 -3.38 -9.55 -8.68
N ARG B 304 -2.30 -9.54 -9.45
CA ARG B 304 -2.26 -8.77 -10.68
C ARG B 304 -1.13 -9.24 -11.58
N VAL B 305 -1.43 -9.38 -12.87
CA VAL B 305 -0.49 -9.93 -13.83
C VAL B 305 -0.48 -9.06 -15.08
N CYS B 306 0.68 -8.91 -15.70
CA CYS B 306 0.75 -8.27 -17.00
C CYS B 306 1.80 -8.92 -17.92
N LEU B 307 1.70 -8.63 -19.21
CA LEU B 307 2.70 -9.06 -20.17
C LEU B 307 3.46 -7.84 -20.64
N PHE B 308 4.78 -7.85 -20.48
CA PHE B 308 5.58 -6.68 -20.79
C PHE B 308 6.86 -7.00 -21.55
N LYS B 309 7.21 -6.14 -22.51
CA LYS B 309 8.48 -6.23 -23.22
C LYS B 309 9.29 -4.95 -23.04
N PRO B 310 10.35 -5.00 -22.23
CA PRO B 310 11.21 -3.84 -21.98
C PRO B 310 12.03 -3.49 -23.22
N ILE B 311 12.52 -2.25 -23.29
CA ILE B 311 13.31 -1.85 -24.45
C ILE B 311 14.69 -2.50 -24.48
N THR B 312 15.09 -3.11 -23.38
CA THR B 312 16.32 -3.88 -23.32
C THR B 312 16.10 -5.33 -23.78
N SER B 313 14.91 -5.59 -24.29
CA SER B 313 14.63 -6.86 -24.96
C SER B 313 14.58 -6.56 -26.45
N ARG B 314 15.40 -7.25 -27.23
CA ARG B 314 15.59 -6.91 -28.64
C ARG B 314 14.30 -6.98 -29.44
N PRO B 315 13.97 -5.90 -30.17
CA PRO B 315 12.64 -5.67 -30.74
C PRO B 315 12.21 -6.66 -31.83
N ALA B 316 13.14 -7.45 -32.35
CA ALA B 316 12.79 -8.38 -33.43
C ALA B 316 12.55 -9.80 -32.94
N ASN B 317 12.78 -10.04 -31.65
CA ASN B 317 12.58 -11.37 -31.08
C ASN B 317 11.21 -11.57 -30.40
N SER B 318 10.94 -12.81 -29.99
CA SER B 318 9.66 -13.16 -29.40
C SER B 318 9.72 -13.08 -27.89
N GLU B 319 10.80 -12.51 -27.37
CA GLU B 319 10.99 -12.38 -25.94
C GLU B 319 10.06 -11.31 -25.35
N ARG B 320 9.36 -11.70 -24.28
CA ARG B 320 8.65 -10.75 -23.44
C ARG B 320 8.74 -11.26 -22.02
N TYR B 321 8.18 -10.51 -21.07
CA TYR B 321 8.20 -10.94 -19.69
C TYR B 321 6.79 -10.89 -19.07
N VAL B 322 6.50 -11.86 -18.22
CA VAL B 322 5.26 -11.85 -17.47
C VAL B 322 5.53 -11.42 -16.02
N VAL B 323 4.90 -10.34 -15.61
CA VAL B 323 5.15 -9.76 -14.30
C VAL B 323 3.97 -9.99 -13.36
N CYS B 324 4.25 -10.59 -12.20
CA CYS B 324 3.21 -11.03 -11.29
C CYS B 324 3.41 -10.45 -9.89
N LYS B 325 2.39 -9.77 -9.37
CA LYS B 325 2.49 -9.23 -8.01
C LYS B 325 1.43 -9.74 -7.03
N GLY B 326 1.91 -10.19 -5.87
CA GLY B 326 1.04 -10.55 -4.76
C GLY B 326 0.46 -11.95 -4.84
N LEU B 327 1.23 -12.93 -4.35
CA LEU B 327 0.78 -14.32 -4.43
C LEU B 327 -0.38 -14.57 -3.47
N LYS B 328 -1.46 -15.13 -4.00
CA LYS B 328 -2.67 -15.37 -3.21
C LYS B 328 -2.48 -16.51 -2.21
N VAL B 329 -3.23 -16.45 -1.12
CA VAL B 329 -3.28 -17.55 -0.16
C VAL B 329 -4.06 -18.71 -0.78
N GLY B 330 -3.61 -19.94 -0.52
CA GLY B 330 -4.30 -21.12 -0.99
C GLY B 330 -4.12 -21.39 -2.47
N ILE B 331 -2.86 -21.42 -2.92
CA ILE B 331 -2.53 -21.75 -4.30
C ILE B 331 -1.96 -23.16 -4.41
N ASP B 332 -2.05 -23.92 -3.32
CA ASP B 332 -1.38 -25.22 -3.21
C ASP B 332 -1.91 -26.28 -4.16
N ASP B 333 -3.20 -26.21 -4.47
CA ASP B 333 -3.79 -27.16 -5.39
C ASP B 333 -3.25 -26.97 -6.80
N VAL B 334 -3.09 -25.71 -7.20
CA VAL B 334 -2.53 -25.39 -8.52
C VAL B 334 -1.08 -25.83 -8.58
N ARG B 335 -0.37 -25.63 -7.46
CA ARG B 335 1.00 -26.07 -7.31
C ARG B 335 1.11 -27.58 -7.48
N ASP B 336 0.25 -28.32 -6.80
CA ASP B 336 0.28 -29.78 -6.89
C ASP B 336 -0.07 -30.21 -8.31
N TYR B 337 -1.08 -29.57 -8.88
CA TYR B 337 -1.52 -29.86 -10.23
C TYR B 337 -0.40 -29.70 -11.27
N LEU B 338 0.33 -28.59 -11.20
CA LEU B 338 1.41 -28.33 -12.15
C LEU B 338 2.63 -29.24 -11.94
N PHE B 339 2.89 -29.60 -10.70
CA PHE B 339 3.95 -30.56 -10.39
C PHE B 339 3.59 -31.89 -11.04
N ALA B 340 2.31 -32.22 -11.02
CA ALA B 340 1.80 -33.45 -11.63
C ALA B 340 1.88 -33.41 -13.15
N VAL B 341 1.59 -32.26 -13.75
CA VAL B 341 1.63 -32.13 -15.20
C VAL B 341 3.06 -32.30 -15.72
N ASN B 342 4.00 -31.68 -15.02
CA ASN B 342 5.41 -31.77 -15.39
C ASN B 342 5.89 -33.21 -15.44
N ILE B 343 5.42 -34.03 -14.52
CA ILE B 343 5.80 -35.43 -14.47
C ILE B 343 5.35 -36.19 -15.74
N LYS B 344 4.12 -35.92 -16.19
CA LYS B 344 3.64 -36.53 -17.42
C LYS B 344 4.50 -36.12 -18.62
N LEU B 345 4.93 -34.86 -18.65
CA LEU B 345 5.79 -34.35 -19.71
C LEU B 345 7.11 -35.11 -19.78
N ASN B 346 7.68 -35.42 -18.63
CA ASN B 346 8.90 -36.21 -18.56
C ASN B 346 8.67 -37.63 -19.05
N GLN B 347 7.45 -38.13 -18.86
CA GLN B 347 7.08 -39.48 -19.25
C GLN B 347 6.74 -39.58 -20.73
N LEU B 348 6.41 -38.46 -21.35
CA LEU B 348 6.07 -38.44 -22.76
C LEU B 348 7.22 -37.97 -23.63
N ARG B 349 8.41 -37.88 -23.05
CA ARG B 349 9.58 -37.46 -23.82
C ARG B 349 9.97 -38.52 -24.86
N ASN B 350 10.30 -38.05 -26.05
CA ASN B 350 10.67 -38.93 -27.18
C ASN B 350 9.54 -39.83 -27.65
N THR B 351 8.32 -39.52 -27.26
CA THR B 351 7.15 -40.23 -27.74
C THR B 351 6.33 -39.32 -28.66
N ASP B 352 5.27 -39.87 -29.23
CA ASP B 352 4.45 -39.12 -30.19
C ASP B 352 3.35 -38.36 -29.47
N SER B 353 3.33 -38.48 -28.14
CA SER B 353 2.35 -37.80 -27.31
C SER B 353 2.91 -36.54 -26.68
N ASP B 354 2.03 -35.73 -26.10
CA ASP B 354 2.41 -34.48 -25.44
C ASP B 354 1.23 -33.91 -24.69
N VAL B 355 1.49 -33.16 -23.61
CA VAL B 355 0.44 -32.41 -22.94
C VAL B 355 0.18 -31.12 -23.70
N ASN B 356 -1.00 -31.01 -24.30
CA ASN B 356 -1.32 -29.91 -25.18
C ASN B 356 -2.24 -28.88 -24.54
N LEU B 357 -2.83 -29.24 -23.41
CA LEU B 357 -3.69 -28.34 -22.65
C LEU B 357 -3.48 -28.51 -21.15
N VAL B 358 -3.46 -27.39 -20.44
CA VAL B 358 -3.38 -27.40 -18.97
C VAL B 358 -4.61 -26.73 -18.38
N VAL B 359 -5.30 -25.94 -19.21
CA VAL B 359 -6.57 -25.33 -18.86
C VAL B 359 -7.45 -25.37 -20.11
N PRO B 360 -8.68 -25.92 -20.00
CA PRO B 360 -9.61 -26.02 -21.11
C PRO B 360 -9.85 -24.69 -21.82
N LEU B 361 -9.82 -24.74 -23.16
CA LEU B 361 -9.99 -23.56 -23.99
C LEU B 361 -11.29 -22.81 -23.70
N GLU B 362 -12.30 -23.55 -23.23
CA GLU B 362 -13.60 -22.97 -22.90
C GLU B 362 -13.51 -22.11 -21.64
N VAL B 363 -12.71 -22.55 -20.68
CA VAL B 363 -12.50 -21.83 -19.43
C VAL B 363 -11.72 -20.52 -19.65
N ILE B 364 -10.66 -20.60 -20.46
CA ILE B 364 -9.88 -19.42 -20.80
C ILE B 364 -10.75 -18.40 -21.52
N LYS B 365 -11.42 -18.85 -22.58
CA LYS B 365 -12.29 -18.01 -23.39
C LYS B 365 -13.54 -17.59 -22.63
N GLY B 366 -13.90 -18.37 -21.61
CA GLY B 366 -15.03 -18.04 -20.75
C GLY B 366 -14.82 -16.69 -20.08
N ASP B 367 -13.56 -16.39 -19.76
CA ASP B 367 -13.20 -15.09 -19.23
C ASP B 367 -12.92 -14.15 -20.40
N HIS B 368 -13.88 -13.27 -20.70
CA HIS B 368 -13.74 -12.35 -21.82
C HIS B 368 -12.64 -11.33 -21.59
N GLU B 369 -12.52 -10.85 -20.35
CA GLU B 369 -11.55 -9.80 -20.01
C GLU B 369 -10.12 -10.30 -20.14
N PHE B 370 -9.87 -11.52 -19.65
CA PHE B 370 -8.58 -12.16 -19.80
C PHE B 370 -8.25 -12.32 -21.28
N THR B 371 -9.15 -12.98 -22.00
CA THR B 371 -8.96 -13.25 -23.43
C THR B 371 -8.75 -11.97 -24.25
N ASP B 372 -9.52 -10.93 -23.97
CA ASP B 372 -9.40 -9.65 -24.67
C ASP B 372 -7.99 -9.07 -24.54
N TYR B 373 -7.45 -9.12 -23.33
CA TYR B 373 -6.10 -8.63 -23.06
C TYR B 373 -5.10 -9.51 -23.78
N MET B 374 -5.21 -10.81 -23.57
CA MET B 374 -4.27 -11.79 -24.12
C MET B 374 -4.13 -11.68 -25.65
N ILE B 375 -5.26 -11.54 -26.33
CA ILE B 375 -5.27 -11.35 -27.78
C ILE B 375 -4.62 -10.03 -28.16
N ARG B 376 -4.99 -8.96 -27.46
CA ARG B 376 -4.48 -7.64 -27.76
C ARG B 376 -2.97 -7.57 -27.52
N SER B 377 -2.51 -8.31 -26.53
CA SER B 377 -1.08 -8.37 -26.23
C SER B 377 -0.34 -9.08 -27.36
N ASN B 378 -0.81 -10.27 -27.72
CA ASN B 378 -0.22 -11.05 -28.80
C ASN B 378 -0.11 -10.28 -30.10
N GLU B 379 -1.13 -9.47 -30.39
CA GLU B 379 -1.19 -8.77 -31.67
C GLU B 379 -0.30 -7.55 -31.72
N SER B 380 -0.30 -6.77 -30.64
CA SER B 380 0.54 -5.57 -30.58
C SER B 380 2.01 -5.94 -30.52
N HIS B 381 2.33 -7.12 -30.01
CA HIS B 381 3.72 -7.58 -29.99
C HIS B 381 4.13 -8.15 -31.35
N CYS B 382 3.16 -8.69 -32.08
CA CYS B 382 3.40 -9.20 -33.43
C CYS B 382 3.76 -8.08 -34.39
N SER B 383 2.91 -7.05 -34.42
CA SER B 383 3.11 -5.92 -35.32
C SER B 383 4.42 -5.19 -35.07
N LEU B 384 4.81 -5.06 -33.80
CA LEU B 384 6.08 -4.42 -33.46
C LEU B 384 7.25 -5.28 -33.90
N GLN B 385 7.13 -6.59 -33.69
CA GLN B 385 8.18 -7.54 -34.04
C GLN B 385 8.34 -7.64 -35.56
N ILE B 386 7.21 -7.66 -36.26
CA ILE B 386 7.21 -7.72 -37.73
C ILE B 386 8.01 -6.55 -38.33
N LYS B 387 7.72 -5.35 -37.86
CA LYS B 387 8.44 -4.16 -38.33
C LYS B 387 9.93 -4.30 -38.07
N ALA B 388 10.28 -4.61 -36.83
CA ALA B 388 11.67 -4.79 -36.42
C ALA B 388 12.35 -5.87 -37.23
N LEU B 389 11.61 -6.93 -37.56
CA LEU B 389 12.13 -8.00 -38.39
C LEU B 389 12.37 -7.49 -39.81
N ALA B 390 11.37 -6.80 -40.35
CA ALA B 390 11.47 -6.18 -41.66
C ALA B 390 12.58 -5.15 -41.65
N LYS B 391 12.77 -4.51 -40.51
CA LYS B 391 13.81 -3.50 -40.35
C LYS B 391 15.20 -4.12 -40.48
N ILE B 392 15.45 -5.19 -39.74
CA ILE B 392 16.73 -5.89 -39.81
C ILE B 392 17.02 -6.31 -41.25
N HIS B 393 16.02 -6.90 -41.90
CA HIS B 393 16.12 -7.36 -43.29
C HIS B 393 16.54 -6.22 -44.22
N ALA B 394 15.96 -5.05 -43.99
CA ALA B 394 16.31 -3.86 -44.76
C ALA B 394 17.75 -3.42 -44.48
N PHE B 395 18.20 -3.62 -43.25
CA PHE B 395 19.55 -3.25 -42.86
C PHE B 395 20.57 -4.26 -43.35
N VAL B 396 20.08 -5.41 -43.79
CA VAL B 396 20.93 -6.39 -44.45
C VAL B 396 21.13 -5.96 -45.90
N GLN B 397 20.02 -5.69 -46.58
CA GLN B 397 20.03 -5.34 -48.00
C GLN B 397 20.65 -3.96 -48.25
N ASP B 398 20.92 -3.22 -47.18
CA ASP B 398 21.53 -1.89 -47.27
C ASP B 398 22.35 -1.63 -46.00
N THR B 399 23.66 -1.63 -46.15
CA THR B 399 24.56 -1.54 -45.00
C THR B 399 24.92 -0.10 -44.62
N THR B 400 24.40 0.87 -45.38
CA THR B 400 24.67 2.28 -45.07
C THR B 400 23.67 2.83 -44.08
N LEU B 401 22.50 2.19 -43.99
CA LEU B 401 21.44 2.61 -43.09
C LEU B 401 21.85 2.41 -41.63
N SER B 402 21.33 3.25 -40.75
CA SER B 402 21.68 3.22 -39.33
C SER B 402 20.79 4.13 -38.49
N GLU B 403 20.64 3.80 -37.22
CA GLU B 403 20.00 4.67 -36.25
C GLU B 403 21.06 5.61 -35.68
N PRO B 404 20.94 6.92 -35.97
CA PRO B 404 21.95 7.89 -35.54
C PRO B 404 21.71 8.37 -34.11
N ARG B 405 20.85 7.66 -33.40
CA ARG B 405 20.36 8.12 -32.10
C ARG B 405 20.69 7.15 -30.97
N GLN B 406 21.41 6.08 -31.30
CA GLN B 406 21.74 5.04 -30.32
C GLN B 406 22.47 5.60 -29.09
N ALA B 407 23.47 6.44 -29.32
CA ALA B 407 24.26 7.03 -28.23
C ALA B 407 23.43 7.88 -27.28
N GLU B 408 22.60 8.76 -27.84
CA GLU B 408 21.79 9.66 -27.03
C GLU B 408 20.66 8.93 -26.30
N ILE B 409 20.12 7.88 -26.92
CA ILE B 409 19.06 7.08 -26.31
C ILE B 409 19.58 6.31 -25.11
N ARG B 410 20.70 5.63 -25.32
CA ARG B 410 21.39 4.89 -24.28
C ARG B 410 21.63 5.76 -23.06
N LYS B 411 22.03 7.00 -23.31
CA LYS B 411 22.36 7.96 -22.27
C LYS B 411 21.15 8.24 -21.38
N GLU B 412 20.02 8.53 -21.99
CA GLU B 412 18.82 8.87 -21.24
C GLU B 412 18.29 7.69 -20.44
N CYS B 413 18.40 6.50 -21.02
CA CYS B 413 17.92 5.28 -20.36
C CYS B 413 18.65 5.03 -19.04
N LEU B 414 19.97 5.21 -19.06
CA LEU B 414 20.77 5.05 -17.85
C LEU B 414 20.43 6.13 -16.84
N ARG B 415 20.21 7.35 -17.33
CA ARG B 415 19.83 8.46 -16.47
C ARG B 415 18.49 8.14 -15.81
N LEU B 416 17.52 7.77 -16.65
CA LEU B 416 16.19 7.41 -16.20
C LEU B 416 16.19 6.28 -15.17
N TRP B 417 16.96 5.23 -15.42
CA TRP B 417 16.92 4.04 -14.58
C TRP B 417 17.84 4.10 -13.37
N GLY B 418 18.65 5.15 -13.30
CA GLY B 418 19.55 5.33 -12.17
C GLY B 418 20.75 4.41 -12.23
N ILE B 419 21.21 4.12 -13.44
CA ILE B 419 22.40 3.29 -13.64
C ILE B 419 23.58 4.16 -14.03
N PRO B 420 24.61 4.22 -13.17
CA PRO B 420 25.80 5.02 -13.46
C PRO B 420 26.54 4.54 -14.71
N ASP B 421 26.89 5.47 -15.57
CA ASP B 421 27.62 5.16 -16.80
C ASP B 421 29.11 4.93 -16.53
N GLN B 422 29.41 3.96 -15.68
CA GLN B 422 30.80 3.60 -15.40
C GLN B 422 31.12 2.28 -16.09
N ALA B 423 32.39 1.87 -16.07
CA ALA B 423 32.80 0.69 -16.82
C ALA B 423 33.14 -0.49 -15.92
N ARG B 424 33.16 -1.68 -16.51
CA ARG B 424 33.36 -2.92 -15.76
C ARG B 424 34.79 -3.05 -15.23
N VAL B 425 35.71 -3.47 -16.09
CA VAL B 425 37.09 -3.67 -15.68
C VAL B 425 37.78 -2.33 -15.39
#